data_7UN3
#
_entry.id   7UN3
#
_cell.length_a   1.00
_cell.length_b   1.00
_cell.length_c   1.00
_cell.angle_alpha   90.00
_cell.angle_beta   90.00
_cell.angle_gamma   90.00
#
_symmetry.space_group_name_H-M   'P 1'
#
loop_
_entity.id
_entity.type
_entity.pdbx_description
1 polymer 'Ubiquitin,60S ribosomal protein L8,(E3-independent) E2 ubiquitin-conjugating enzyme fusion'
2 polymer 'Nucleosome assembly protein 1-like 1'
#
loop_
_entity_poly.entity_id
_entity_poly.type
_entity_poly.pdbx_seq_one_letter_code
_entity_poly.pdbx_strand_id
1 'polypeptide(L)'
;MASWSHPQFEKGAWSHPQFEKGSWSHPQFEKGPAGSENLYFQGSGIRMQIFVKTLTGKTITLEVEPSDTIENVKAKIQDK
EGIPPDQQRLIFAGKQLEDGRTLSDYNIQKESTLHLVLRLRGVGSMGRVIRGQRKGAGSVFRAHVKHRKGAARLRAVDFA
ERHGYIKGIVKDIIHDPGRGAPLAKVVFRDPYRFKKRTELFIAAEGIHTGQFVYCGKKAQLNVGNVLPVGTMPEGTIVCC
LEEKPGDRGKLARASGNYATVISHNPETKKTRVKLPSGSKKVISSANRAVVGVVAGGGRIDKPILKAGRAYHKYKAKRNC
WPRVRGVAMNPVEHPFGGGNHQHIGKPSTIRRDAPAGRKVGLIAARRTGRLRGTKTVQEKENGGSGLEVLFQGPGGSGGG
SGLEVLFQGPGGSGYPYDVPDYAGYPYDVPDYAGSYPYDVPDYAGSAIRDRTMADPAAPTPAAPAPAQAPAPAPEAVPAP
AAAPVPAPAPASDSASGPSSDSGPEAGSQRLLFSHDLVSGRYRGSVHFGLVRLIHGEDSDSEGEEEGRGSSGCSEAGGAG
HEEGRASPLRRGYVRVQWYPEGVKQHVKETKLKLEDRSVVPRDVVRHMRSTDSQCGTVIDVNIDCAVKLIGTNCIIYPVN
SKDLQHIWPFMYGDYIAYDCWLGKVYDLKNQIILKLSNGARCSMNTEDGAKLYDVCPHVSDSGLFFDDSYGFYPGQVLIG
PAKIFSSVQWLSGVKPVLSTKSKFRVVVEEVQVVELKVTWITKSFCPGGTDSVSPPPSVITQENLGRVKRLGCFDHAQRQ
LGERCLYVFPAKVEPAKIAWECPEKNCAQGEGSMAKKVKRLLKKQVVRIMSCSPDTQCSRDHSMEDPDKKGESKTKSEAE
SASPEETPDGSASPVEMQDEGAEEPHEAGEQLPPFLLKEGRDDRLHSAEQDADDEAADDTDDTSSVTSSASSTTSSQSGS
GTSRKKSIPLSIKNLKRKHKRKKNKITRDFKPGDRVAVEVVTTMTSADVMWQDGSVECNIRSNDLFPVHHLDNNEFCPGD
FVVDKRVQSCPDPAVYGVVQSGDHIGRTCMVKWFKLRPSGDDVELIGEEEDVSVYDIADHPDFRFRTTDIVIRIGNTEDG
APHKEDEPSVGQVARVDVSSKVEVVWADNSKTIILPQHLYNIESEIEESDYDSVEGSTSGASSDEWEDDSDSWETDNGLV
EDEHPKIEEPPIPPLEQPVAPEDKGVVISEEAATAAVQGAVAMAAPMAGLMEKAGKDGPPKSFRELKEAIKILESLKNMT
VEQLLTGSPTSPTVEPEKPTREKKFLDDIKKLQENLKKTLDNVAIVEEEKMEAVPDVERKEDKPEGQSPVKAEWPSETPV
LCQQCGGKPGVTFTSAKGEVFSVLEFAPSNHSFKKIEFQPPEAKKFFSTVRKEMALLATSLPEGIMVKTFEDRMDLFSAL
IKGPTRTPYEDGLYLFDIQLPNIYPAVPPHFCYLSQCSGRLNPNLYDNGKVKVSLLGTWIGKGTERWTSKSSLLQVLISI
QGLILVNEPYYNEAGFDSDRGLQEGYENSRCYNEMALIRVVQSMTQLVRRPPEVFEQEIRQHFSTGGWRLVNRIESWLET
HALLEKAQALPNGVPKASSSPEPPAVAELSDSGQQEPEDGGPAPGEASQGSDSEGGAQGLASASRDHTDQTSETAPDASV
PPSVKPKKRRKSYRSFLPEKSGYPDIGFPLFPLSKGFIKSIRGVLTQFRAALLEAGMPECTEDK
;
D,A
2 'polypeptide(L)'
;MDYKDHDGDYKDHDIDYKDDDDKAGSADIDNKEQSELDQDLDDVEEVEEEETGEETKLKARQLTVQMMQNPQILAALQER
LDGLVETPTGYIESLPRVVKRRVNALKNLQVKCAQIEAKFYEEVHDLERKYAVLYQPLFDKRFEIINAIYEPTEEECEWK
PDEEDEISEELKEKAKIEDEKKDEEKEDPKGIPEFWLTVFKNVDLLSDMVQEHDEPILKHLKDIKVKFSDAGQPMSFVLE
FHFEPNEYFTNEVLTKTYRMRSEPDDSDPFSFDGPEIMGCTGCQIDWKKGKNVTLKTIKKKQKHKGRGTVRTVTKTVSND
SFFNFFAPPEVPESGDLDDDAEAILAADFEIGHFLRERIIPRSVLYFTGEAIEDDDDDYDEEGEEADEEGEEEGDEENDP
DYDPKKDQNPAECKQQ
;
B,C
#
# COMPACT_ATOMS: atom_id res chain seq x y z
N MET A 48 2.34 49.66 20.40
CA MET A 48 3.74 49.63 19.91
C MET A 48 3.78 49.15 18.46
N GLN A 49 4.62 49.78 17.65
CA GLN A 49 4.67 49.50 16.22
C GLN A 49 5.41 48.19 15.97
N ILE A 50 4.76 47.28 15.24
CA ILE A 50 5.38 46.04 14.79
C ILE A 50 4.98 45.80 13.34
N PHE A 51 5.74 44.94 12.67
CA PHE A 51 5.50 44.57 11.29
C PHE A 51 5.36 43.06 11.17
N VAL A 52 4.31 42.62 10.49
CA VAL A 52 4.06 41.21 10.23
C VAL A 52 4.15 41.02 8.72
N LYS A 53 5.02 40.11 8.29
CA LYS A 53 5.22 39.85 6.87
C LYS A 53 4.43 38.62 6.44
N THR A 54 3.69 38.76 5.35
CA THR A 54 2.93 37.67 4.77
C THR A 54 3.64 37.14 3.54
N LEU A 55 3.28 35.91 3.17
CA LEU A 55 3.96 35.22 2.07
C LEU A 55 3.63 35.78 0.70
N THR A 56 2.65 36.68 0.60
CA THR A 56 2.33 37.33 -0.66
C THR A 56 3.07 38.65 -0.84
N GLY A 57 3.94 39.03 0.09
CA GLY A 57 4.77 40.21 -0.05
C GLY A 57 4.26 41.43 0.70
N LYS A 58 3.04 41.40 1.20
CA LYS A 58 2.50 42.54 1.92
C LYS A 58 3.07 42.61 3.33
N THR A 59 3.03 43.81 3.91
CA THR A 59 3.48 44.04 5.28
C THR A 59 2.35 44.68 6.07
N ILE A 60 2.03 44.08 7.22
CA ILE A 60 0.99 44.59 8.10
C ILE A 60 1.66 45.36 9.22
N THR A 61 1.38 46.66 9.30
CA THR A 61 1.87 47.49 10.39
C THR A 61 0.80 47.50 11.49
N LEU A 62 1.19 47.05 12.68
CA LEU A 62 0.24 46.84 13.77
C LEU A 62 0.70 47.57 15.03
N GLU A 63 -0.28 48.02 15.82
CA GLU A 63 -0.02 48.62 17.11
C GLU A 63 -0.47 47.63 18.19
N VAL A 64 0.49 47.02 18.88
CA VAL A 64 0.21 45.97 19.84
C VAL A 64 0.85 46.35 21.18
N GLU A 65 0.06 46.27 22.23
CA GLU A 65 0.60 46.51 23.57
C GLU A 65 1.59 45.41 23.93
N PRO A 66 2.72 45.74 24.55
CA PRO A 66 3.70 44.70 24.89
C PRO A 66 3.12 43.58 25.74
N SER A 67 2.23 43.90 26.67
CA SER A 67 1.62 42.91 27.55
C SER A 67 0.50 42.13 26.87
N ASP A 68 0.11 42.53 25.66
CA ASP A 68 -0.97 41.84 24.96
C ASP A 68 -0.64 40.37 24.77
N THR A 69 -1.68 39.58 24.49
CA THR A 69 -1.55 38.18 24.19
C THR A 69 -1.45 37.97 22.68
N ILE A 70 -0.98 36.78 22.29
CA ILE A 70 -0.79 36.48 20.88
C ILE A 70 -2.13 36.26 20.19
N GLU A 71 -3.15 35.86 20.94
CA GLU A 71 -4.47 35.70 20.34
C GLU A 71 -4.98 37.01 19.76
N ASN A 72 -4.73 38.11 20.46
CA ASN A 72 -5.10 39.43 19.92
C ASN A 72 -4.33 39.73 18.64
N VAL A 73 -3.06 39.35 18.57
CA VAL A 73 -2.30 39.55 17.35
C VAL A 73 -2.91 38.74 16.21
N LYS A 74 -3.29 37.50 16.47
CA LYS A 74 -3.93 36.68 15.45
C LYS A 74 -5.25 37.30 15.01
N ALA A 75 -6.02 37.84 15.95
CA ALA A 75 -7.28 38.48 15.60
C ALA A 75 -7.05 39.70 14.71
N LYS A 76 -6.04 40.51 15.04
CA LYS A 76 -5.73 41.68 14.23
C LYS A 76 -5.26 41.26 12.83
N ILE A 77 -4.44 40.22 12.75
CA ILE A 77 -3.99 39.74 11.45
C ILE A 77 -5.17 39.24 10.63
N GLN A 78 -6.11 38.52 11.28
CA GLN A 78 -7.32 38.11 10.60
C GLN A 78 -8.10 39.31 10.09
N ASP A 79 -8.24 40.35 10.91
CA ASP A 79 -8.97 41.53 10.48
C ASP A 79 -8.29 42.19 9.29
N LYS A 80 -6.97 42.24 9.29
CA LYS A 80 -6.25 42.91 8.21
C LYS A 80 -6.21 42.09 6.93
N GLU A 81 -6.25 40.76 7.03
CA GLU A 81 -6.12 39.91 5.86
C GLU A 81 -7.17 38.80 5.76
N GLY A 82 -7.90 38.50 6.83
CA GLY A 82 -8.98 37.55 6.78
C GLY A 82 -8.64 36.14 7.20
N ILE A 83 -7.36 35.82 7.33
CA ILE A 83 -6.98 34.46 7.74
C ILE A 83 -7.41 34.22 9.18
N PRO A 84 -8.15 33.15 9.47
CA PRO A 84 -8.71 32.98 10.82
C PRO A 84 -7.66 32.48 11.81
N PRO A 85 -7.68 32.96 13.05
CA PRO A 85 -6.60 32.64 13.99
C PRO A 85 -6.22 31.16 14.04
N ASP A 86 -7.20 30.27 13.94
CA ASP A 86 -6.90 28.84 13.98
C ASP A 86 -6.08 28.37 12.78
N GLN A 87 -5.97 29.19 11.74
CA GLN A 87 -5.35 28.76 10.48
C GLN A 87 -4.02 29.45 10.19
N GLN A 88 -3.39 30.09 11.17
CA GLN A 88 -2.09 30.72 10.94
C GLN A 88 -1.15 30.49 12.11
N ARG A 89 0.15 30.58 11.80
CA ARG A 89 1.22 30.56 12.77
C ARG A 89 2.00 31.87 12.65
N LEU A 90 2.44 32.38 13.79
CA LEU A 90 3.28 33.58 13.84
C LEU A 90 4.71 33.15 14.14
N ILE A 91 5.65 33.64 13.33
CA ILE A 91 7.06 33.28 13.46
C ILE A 91 7.84 34.54 13.76
N PHE A 92 8.60 34.53 14.84
CA PHE A 92 9.54 35.61 15.16
C PHE A 92 10.92 34.98 15.18
N ALA A 93 11.81 35.45 14.31
CA ALA A 93 13.19 34.98 14.27
C ALA A 93 13.25 33.46 14.38
N GLY A 94 12.28 32.79 13.76
CA GLY A 94 12.22 31.34 13.75
C GLY A 94 11.49 30.72 14.91
N LYS A 95 11.05 31.50 15.89
CA LYS A 95 10.28 30.95 17.00
C LYS A 95 8.80 30.82 16.63
N GLN A 96 8.24 29.63 16.88
CA GLN A 96 6.83 29.37 16.61
C GLN A 96 6.03 29.93 17.78
N LEU A 97 5.57 31.17 17.64
CA LEU A 97 4.88 31.82 18.74
C LEU A 97 3.64 31.04 19.15
N GLU A 98 3.49 30.87 20.46
CA GLU A 98 2.35 30.18 21.05
C GLU A 98 1.27 31.20 21.37
N ASP A 99 0.02 30.86 21.04
CA ASP A 99 -1.07 31.82 21.22
C ASP A 99 -1.19 32.23 22.70
N GLY A 100 -1.19 31.26 23.60
CA GLY A 100 -1.45 31.54 25.00
C GLY A 100 -0.25 32.01 25.78
N ARG A 101 0.36 33.11 25.37
CA ARG A 101 1.45 33.71 26.12
C ARG A 101 1.65 35.14 25.62
N THR A 102 2.01 36.03 26.55
CA THR A 102 2.04 37.45 26.27
C THR A 102 3.20 37.81 25.34
N LEU A 103 2.96 38.83 24.51
CA LEU A 103 3.98 39.27 23.56
C LEU A 103 5.26 39.72 24.24
N SER A 104 5.14 40.42 25.37
CA SER A 104 6.33 40.96 26.02
C SER A 104 7.31 39.85 26.38
N ASP A 105 6.81 38.73 26.91
CA ASP A 105 7.71 37.65 27.33
C ASP A 105 8.32 36.95 26.14
N TYR A 106 7.77 37.17 24.94
CA TYR A 106 8.49 36.85 23.70
C TYR A 106 9.50 37.91 23.33
N ASN A 107 9.63 38.97 24.15
CA ASN A 107 10.64 40.00 23.94
C ASN A 107 10.45 40.66 22.58
N ILE A 108 9.20 40.99 22.27
CA ILE A 108 8.90 41.76 21.07
C ILE A 108 9.16 43.23 21.37
N GLN A 109 9.77 43.92 20.43
CA GLN A 109 10.18 45.31 20.61
C GLN A 109 9.64 46.17 19.47
N LYS A 110 9.87 47.48 19.58
CA LYS A 110 9.41 48.41 18.56
C LYS A 110 10.04 48.09 17.22
N GLU A 111 9.24 48.21 16.16
CA GLU A 111 9.69 47.94 14.78
C GLU A 111 10.20 46.51 14.63
N SER A 112 9.74 45.61 15.49
CA SER A 112 10.12 44.21 15.38
C SER A 112 9.39 43.57 14.22
N THR A 113 9.95 42.45 13.75
CA THR A 113 9.47 41.77 12.55
C THR A 113 8.78 40.47 12.92
N LEU A 114 7.60 40.24 12.34
CA LEU A 114 6.88 38.99 12.46
C LEU A 114 6.62 38.45 11.07
N HIS A 115 6.46 37.13 10.98
CA HIS A 115 6.21 36.46 9.72
C HIS A 115 4.99 35.56 9.86
N LEU A 116 4.22 35.46 8.78
CA LEU A 116 2.95 34.75 8.77
C LEU A 116 3.11 33.43 8.02
N VAL A 117 2.67 32.33 8.65
CA VAL A 117 2.70 31.01 8.04
C VAL A 117 1.30 30.44 8.14
N LEU A 118 1.00 29.49 7.26
CA LEU A 118 -0.33 28.88 7.21
C LEU A 118 -0.25 27.41 7.63
N ARG A 119 -1.26 26.99 8.38
CA ARG A 119 -1.41 25.60 8.80
C ARG A 119 -2.65 25.02 8.13
N LEU A 120 -2.52 23.79 7.63
CA LEU A 120 -3.66 23.10 7.03
C LEU A 120 -3.58 21.60 7.28
N GLN B 509 26.49 -6.86 21.05
CA GLN B 509 26.11 -5.80 20.14
C GLN B 509 25.22 -6.33 19.02
N ARG B 510 24.14 -5.61 18.75
CA ARG B 510 23.25 -5.98 17.65
C ARG B 510 23.90 -5.62 16.32
N LEU B 511 23.67 -6.47 15.31
CA LEU B 511 24.36 -6.32 14.03
C LEU B 511 23.41 -6.29 12.84
N LEU B 512 22.13 -6.01 13.05
CA LEU B 512 21.19 -5.80 11.95
C LEU B 512 20.17 -4.75 12.37
N PHE B 513 19.71 -3.98 11.39
CA PHE B 513 18.79 -2.90 11.65
C PHE B 513 17.89 -2.73 10.43
N SER B 514 16.79 -2.00 10.63
CA SER B 514 15.72 -1.96 9.64
C SER B 514 16.27 -1.72 8.24
N HIS B 515 15.66 -2.40 7.27
CA HIS B 515 15.89 -2.24 5.84
C HIS B 515 17.23 -2.82 5.36
N ASP B 516 18.05 -3.37 6.24
CA ASP B 516 19.37 -3.83 5.82
C ASP B 516 19.25 -5.02 4.88
N LEU B 517 20.17 -5.09 3.91
CA LEU B 517 20.20 -6.19 2.97
C LEU B 517 20.98 -7.37 3.55
N VAL B 518 20.39 -8.54 3.50
CA VAL B 518 20.94 -9.73 4.14
C VAL B 518 20.85 -10.89 3.16
N SER B 519 21.69 -11.89 3.37
CA SER B 519 21.65 -13.14 2.64
C SER B 519 21.46 -14.27 3.63
N GLY B 520 20.51 -15.16 3.33
CA GLY B 520 20.22 -16.28 4.20
C GLY B 520 19.38 -17.32 3.48
N ARG B 521 19.24 -18.47 4.12
CA ARG B 521 18.56 -19.60 3.51
C ARG B 521 17.06 -19.51 3.75
N TYR B 522 16.29 -19.48 2.67
CA TYR B 522 14.85 -19.66 2.70
C TYR B 522 14.51 -20.86 1.83
N ARG B 523 13.64 -21.73 2.35
CA ARG B 523 13.30 -22.98 1.65
C ARG B 523 14.55 -23.80 1.34
N GLY B 524 15.60 -23.63 2.13
CA GLY B 524 16.83 -24.34 1.92
C GLY B 524 17.75 -23.76 0.86
N SER B 525 17.39 -22.61 0.29
CA SER B 525 18.18 -21.99 -0.77
C SER B 525 18.59 -20.58 -0.35
N VAL B 526 19.83 -20.22 -0.65
CA VAL B 526 20.33 -18.90 -0.28
C VAL B 526 19.62 -17.84 -1.11
N HIS B 527 19.21 -16.76 -0.44
CA HIS B 527 18.45 -15.70 -1.08
C HIS B 527 18.72 -14.39 -0.37
N PHE B 528 18.46 -13.30 -1.08
CA PHE B 528 18.57 -11.96 -0.54
C PHE B 528 17.27 -11.56 0.16
N GLY B 529 17.39 -10.62 1.08
CA GLY B 529 16.23 -10.17 1.82
C GLY B 529 16.50 -8.84 2.51
N LEU B 530 15.40 -8.22 2.97
CA LEU B 530 15.45 -6.97 3.71
C LEU B 530 14.89 -7.19 5.10
N VAL B 531 15.61 -6.75 6.12
CA VAL B 531 15.11 -6.82 7.49
C VAL B 531 14.16 -5.66 7.70
N ARG B 532 12.94 -5.98 8.14
CA ARG B 532 11.87 -4.99 8.31
C ARG B 532 11.62 -4.65 9.78
N LEU B 533 11.74 -5.62 10.67
CA LEU B 533 11.38 -5.44 12.07
C LEU B 533 12.50 -5.97 12.96
N ILE B 534 12.64 -5.32 14.12
CA ILE B 534 13.65 -5.67 15.12
C ILE B 534 12.94 -5.71 16.47
N HIS B 535 13.65 -6.22 17.48
CA HIS B 535 13.12 -6.30 18.85
C HIS B 535 12.13 -5.19 19.18
N VAL B 574 15.01 -11.43 14.36
CA VAL B 574 14.68 -10.27 13.54
C VAL B 574 13.83 -10.71 12.36
N ARG B 575 12.93 -9.83 11.91
CA ARG B 575 12.01 -10.17 10.83
C ARG B 575 12.63 -9.80 9.49
N VAL B 576 12.75 -10.79 8.60
CA VAL B 576 13.37 -10.64 7.30
C VAL B 576 12.33 -11.01 6.25
N GLN B 577 12.22 -10.19 5.21
CA GLN B 577 11.38 -10.47 4.05
C GLN B 577 12.32 -10.71 2.87
N TRP B 578 12.31 -11.94 2.35
CA TRP B 578 13.08 -12.26 1.15
C TRP B 578 12.28 -11.77 -0.07
N TYR B 579 12.31 -10.46 -0.25
CA TYR B 579 11.40 -9.82 -1.18
C TYR B 579 11.44 -10.39 -2.59
N PRO B 580 12.59 -10.70 -3.18
CA PRO B 580 12.57 -11.16 -4.58
C PRO B 580 11.54 -12.26 -4.83
N GLU B 581 11.48 -13.26 -3.96
CA GLU B 581 10.33 -14.16 -3.93
C GLU B 581 10.28 -14.78 -2.53
N GLY B 582 9.37 -14.29 -1.71
CA GLY B 582 9.25 -14.80 -0.36
C GLY B 582 8.31 -13.95 0.47
N VAL B 583 8.23 -14.31 1.76
CA VAL B 583 7.35 -13.66 2.71
C VAL B 583 8.11 -13.42 4.01
N LYS B 584 7.60 -12.51 4.82
CA LYS B 584 8.25 -12.17 6.08
C LYS B 584 8.35 -13.41 6.97
N GLN B 585 9.48 -13.52 7.66
CA GLN B 585 9.63 -14.56 8.67
C GLN B 585 10.66 -14.10 9.69
N HIS B 586 10.54 -14.63 10.90
CA HIS B 586 11.52 -14.35 11.94
C HIS B 586 12.73 -15.27 11.79
N VAL B 587 13.91 -14.70 12.01
CA VAL B 587 15.16 -15.46 11.97
C VAL B 587 16.21 -14.64 12.68
N LYS B 588 17.11 -15.32 13.39
CA LYS B 588 18.15 -14.67 14.18
C LYS B 588 19.33 -14.28 13.30
N GLU B 589 20.12 -13.33 13.81
CA GLU B 589 21.19 -12.75 13.02
C GLU B 589 22.42 -13.66 12.93
N THR B 590 22.57 -14.60 13.87
CA THR B 590 23.70 -15.52 13.83
C THR B 590 23.67 -16.42 12.60
N LYS B 591 22.48 -16.72 12.06
CA LYS B 591 22.34 -17.56 10.88
C LYS B 591 22.42 -16.76 9.59
N LEU B 592 22.67 -15.47 9.65
CA LEU B 592 22.52 -14.56 8.53
C LEU B 592 23.87 -13.97 8.13
N LYS B 593 23.93 -13.46 6.90
CA LYS B 593 25.14 -12.80 6.41
C LYS B 593 24.77 -11.45 5.82
N LEU B 594 25.21 -10.37 6.45
CA LEU B 594 24.92 -9.04 5.91
C LEU B 594 25.55 -8.87 4.54
N GLU B 595 24.91 -8.05 3.71
CA GLU B 595 25.46 -7.69 2.41
C GLU B 595 25.50 -6.19 2.21
N ASP B 596 24.53 -5.46 2.74
CA ASP B 596 24.49 -4.00 2.59
C ASP B 596 23.58 -3.45 3.67
N ARG B 597 24.13 -2.65 4.57
CA ARG B 597 23.31 -1.97 5.56
C ARG B 597 22.56 -0.82 4.90
N SER B 598 21.46 -0.43 5.55
CA SER B 598 20.48 0.49 4.95
C SER B 598 20.71 1.92 5.38
N VAL B 599 21.97 2.33 5.55
CA VAL B 599 22.26 3.71 5.92
C VAL B 599 21.46 4.65 5.03
N VAL B 600 20.72 5.55 5.67
CA VAL B 600 19.90 6.53 4.97
C VAL B 600 20.14 7.89 5.60
N PRO B 601 20.04 8.97 4.83
CA PRO B 601 20.25 10.30 5.43
C PRO B 601 19.50 10.50 6.74
N ARG B 602 20.01 11.43 7.56
CA ARG B 602 19.56 11.66 8.93
C ARG B 602 20.01 10.59 9.91
N ASP B 603 20.63 9.52 9.41
CA ASP B 603 20.94 8.40 10.28
C ASP B 603 22.29 8.60 10.96
N VAL B 604 22.31 8.41 12.27
CA VAL B 604 23.53 8.53 13.06
C VAL B 604 24.17 7.15 13.14
N VAL B 605 25.47 7.08 12.86
CA VAL B 605 26.15 5.81 12.70
C VAL B 605 27.46 5.81 13.49
N ARG B 606 27.91 4.61 13.81
CA ARG B 606 29.14 4.37 14.54
C ARG B 606 29.94 3.33 13.77
N HIS B 607 31.27 3.48 13.73
CA HIS B 607 32.09 2.48 13.06
C HIS B 607 31.90 1.12 13.72
N MET B 608 31.72 0.10 12.89
CA MET B 608 31.59 -1.25 13.42
C MET B 608 32.92 -1.78 13.94
N ARG B 609 33.99 -1.63 13.17
CA ARG B 609 35.28 -2.18 13.55
C ARG B 609 36.05 -1.26 14.48
N SER B 610 36.07 0.03 14.21
CA SER B 610 36.86 0.96 15.00
C SER B 610 36.40 0.93 16.45
N THR B 611 37.35 0.80 17.37
CA THR B 611 37.03 0.82 18.78
C THR B 611 36.46 2.16 19.22
N ASP B 612 36.83 3.25 18.54
CA ASP B 612 36.30 4.56 18.85
C ASP B 612 34.78 4.54 18.71
N SER B 613 34.06 4.82 19.80
CA SER B 613 32.61 4.82 19.79
C SER B 613 32.04 6.14 19.29
N GLN B 614 32.86 6.97 18.65
CA GLN B 614 32.40 8.25 18.13
C GLN B 614 31.18 8.08 17.24
N CYS B 615 30.24 9.01 17.36
CA CYS B 615 29.04 9.04 16.54
C CYS B 615 29.25 9.89 15.30
N GLY B 616 28.33 9.75 14.36
CA GLY B 616 28.37 10.55 13.15
C GLY B 616 27.05 10.45 12.40
N THR B 617 26.72 11.51 11.69
CA THR B 617 25.48 11.59 10.92
C THR B 617 25.80 11.44 9.44
N VAL B 618 24.94 10.73 8.72
CA VAL B 618 25.20 10.40 7.32
C VAL B 618 24.60 11.49 6.44
N ILE B 619 25.43 12.04 5.54
CA ILE B 619 24.98 13.15 4.69
C ILE B 619 24.29 12.62 3.44
N ASP B 620 25.05 11.89 2.61
CA ASP B 620 24.50 11.33 1.39
C ASP B 620 24.96 9.89 1.25
N VAL B 621 24.12 9.08 0.61
CA VAL B 621 24.41 7.66 0.40
C VAL B 621 24.45 7.41 -1.10
N ASN B 622 25.53 6.79 -1.55
CA ASN B 622 25.69 6.41 -2.95
C ASN B 622 25.36 4.93 -3.09
N ILE B 623 24.40 4.62 -3.95
CA ILE B 623 23.89 3.27 -4.12
C ILE B 623 24.29 2.79 -5.50
N ASP B 624 25.15 1.76 -5.54
CA ASP B 624 25.45 1.03 -6.76
C ASP B 624 24.68 -0.27 -6.71
N CYS B 625 23.57 -0.34 -7.46
CA CYS B 625 22.61 -1.41 -7.31
C CYS B 625 22.55 -2.25 -8.58
N ALA B 626 22.50 -3.56 -8.40
CA ALA B 626 22.27 -4.48 -9.51
C ALA B 626 20.79 -4.45 -9.88
N VAL B 627 20.51 -4.49 -11.17
CA VAL B 627 19.15 -4.36 -11.69
C VAL B 627 18.87 -5.51 -12.63
N LYS B 628 17.77 -6.22 -12.40
CA LYS B 628 17.33 -7.29 -13.27
C LYS B 628 16.13 -6.82 -14.08
N LEU B 629 16.19 -7.02 -15.39
CA LEU B 629 15.05 -6.72 -16.25
C LEU B 629 13.93 -7.71 -15.95
N ILE B 630 12.71 -7.18 -15.92
CA ILE B 630 11.53 -7.97 -15.57
C ILE B 630 11.06 -8.71 -16.81
N GLY B 631 10.45 -9.87 -16.60
CA GLY B 631 10.10 -10.76 -17.70
C GLY B 631 11.30 -11.54 -18.18
N THR B 632 12.36 -10.83 -18.57
CA THR B 632 13.65 -11.45 -18.84
C THR B 632 14.37 -11.66 -17.51
N ASN B 633 15.66 -11.99 -17.56
CA ASN B 633 16.44 -12.18 -16.34
C ASN B 633 17.82 -11.53 -16.45
N CYS B 634 18.07 -10.73 -17.48
CA CYS B 634 19.35 -10.05 -17.59
C CYS B 634 19.57 -9.15 -16.37
N ILE B 635 20.76 -9.23 -15.80
CA ILE B 635 21.12 -8.47 -14.61
C ILE B 635 22.32 -7.59 -14.94
N ILE B 636 22.17 -6.28 -14.73
CA ILE B 636 23.23 -5.32 -14.96
C ILE B 636 23.75 -4.85 -13.62
N TYR B 637 25.08 -4.94 -13.43
CA TYR B 637 25.71 -4.52 -12.20
C TYR B 637 27.08 -3.94 -12.52
N PRO B 638 27.49 -2.82 -11.92
CA PRO B 638 26.76 -1.96 -10.98
C PRO B 638 26.08 -0.77 -11.65
N VAL B 639 24.81 -0.56 -11.34
CA VAL B 639 24.05 0.58 -11.82
C VAL B 639 23.76 1.47 -10.63
N ASN B 640 24.08 2.76 -10.75
CA ASN B 640 23.93 3.68 -9.63
C ASN B 640 22.47 4.11 -9.48
N SER B 641 21.97 4.08 -8.25
CA SER B 641 20.55 4.37 -8.02
C SER B 641 20.17 5.79 -8.41
N LYS B 642 21.11 6.75 -8.36
CA LYS B 642 20.79 8.08 -8.84
C LYS B 642 20.35 8.04 -10.28
N ASP B 643 20.77 7.02 -11.03
CA ASP B 643 20.41 6.91 -12.43
C ASP B 643 18.95 6.47 -12.58
N LEU B 644 18.51 5.53 -11.74
CA LEU B 644 17.18 4.96 -11.90
C LEU B 644 16.11 6.01 -11.61
N GLN B 645 15.04 5.98 -12.39
CA GLN B 645 13.92 6.90 -12.26
C GLN B 645 12.69 6.17 -11.73
N HIS B 646 11.82 6.92 -11.06
CA HIS B 646 10.63 6.33 -10.47
C HIS B 646 9.71 5.80 -11.57
N ILE B 647 8.97 4.74 -11.23
CA ILE B 647 8.14 4.08 -12.24
C ILE B 647 6.96 4.96 -12.64
N TRP B 648 6.30 5.57 -11.66
CA TRP B 648 5.23 6.52 -11.95
C TRP B 648 5.73 7.95 -11.75
N PRO B 649 5.18 8.93 -12.47
CA PRO B 649 5.62 10.32 -12.26
C PRO B 649 5.48 10.79 -10.82
N PHE B 650 4.41 10.37 -10.14
CA PHE B 650 4.21 10.70 -8.74
C PHE B 650 3.70 9.45 -8.03
N MET B 651 3.90 9.41 -6.71
CA MET B 651 3.54 8.23 -5.93
C MET B 651 2.80 8.64 -4.67
N TYR B 652 2.27 7.63 -3.98
CA TYR B 652 1.42 7.83 -2.83
C TYR B 652 2.16 8.58 -1.72
N GLY B 653 1.72 9.82 -1.47
CA GLY B 653 2.20 10.57 -0.34
C GLY B 653 3.50 11.30 -0.53
N ASP B 654 4.15 11.16 -1.68
CA ASP B 654 5.40 11.88 -1.91
C ASP B 654 5.11 13.37 -2.06
N TYR B 655 5.80 14.17 -1.25
CA TYR B 655 5.49 15.60 -1.20
C TYR B 655 5.63 16.22 -2.57
N ILE B 656 4.83 17.27 -2.81
CA ILE B 656 4.81 17.97 -4.08
C ILE B 656 4.64 19.46 -3.82
N ALA B 657 4.90 20.25 -4.85
CA ALA B 657 4.74 21.69 -4.78
C ALA B 657 3.88 22.16 -5.94
N TYR B 658 2.81 22.88 -5.63
CA TYR B 658 1.98 23.52 -6.63
C TYR B 658 2.57 24.90 -6.91
N ASP B 659 1.82 25.77 -7.60
CA ASP B 659 2.29 27.11 -7.91
C ASP B 659 3.06 27.72 -6.74
N CYS B 660 2.43 27.79 -5.57
CA CYS B 660 3.12 28.27 -4.37
C CYS B 660 2.72 27.53 -3.11
N TRP B 661 2.22 26.29 -3.20
CA TRP B 661 1.79 25.52 -2.04
C TRP B 661 2.54 24.21 -1.97
N LEU B 662 2.85 23.77 -0.74
CA LEU B 662 3.36 22.42 -0.51
C LEU B 662 2.18 21.49 -0.26
N GLY B 663 2.40 20.20 -0.48
CA GLY B 663 1.34 19.26 -0.20
C GLY B 663 1.67 17.79 -0.32
N LYS B 664 1.09 16.97 0.54
CA LYS B 664 1.17 15.53 0.40
C LYS B 664 0.04 15.02 -0.48
N VAL B 665 0.39 14.17 -1.43
CA VAL B 665 -0.59 13.55 -2.32
C VAL B 665 -1.24 12.43 -1.52
N TYR B 666 -2.40 12.73 -0.94
CA TYR B 666 -3.12 11.73 -0.16
C TYR B 666 -3.49 10.54 -1.03
N ASP B 667 -3.98 10.79 -2.24
CA ASP B 667 -4.31 9.74 -3.18
C ASP B 667 -4.07 10.29 -4.57
N LEU B 668 -3.82 9.38 -5.52
CA LEU B 668 -3.60 9.77 -6.90
C LEU B 668 -4.26 8.74 -7.81
N LYS B 669 -5.13 9.23 -8.69
CA LYS B 669 -5.78 8.39 -9.69
C LYS B 669 -4.89 8.37 -10.92
N ASN B 670 -4.47 7.17 -11.32
CA ASN B 670 -3.54 6.97 -12.43
C ASN B 670 -4.15 6.05 -13.46
N GLN B 671 -3.82 6.29 -14.73
CA GLN B 671 -4.32 5.49 -15.84
C GLN B 671 -3.16 4.95 -16.64
N ILE B 672 -3.29 3.70 -17.06
CA ILE B 672 -2.30 3.05 -17.90
C ILE B 672 -2.67 3.31 -19.36
N ILE B 673 -1.65 3.32 -20.22
CA ILE B 673 -1.83 3.45 -21.65
C ILE B 673 -1.33 2.16 -22.30
N LEU B 674 -2.21 1.48 -23.03
CA LEU B 674 -1.97 0.16 -23.57
C LEU B 674 -1.96 0.19 -25.08
N LYS B 675 -1.12 -0.66 -25.68
CA LYS B 675 -1.12 -0.90 -27.12
C LYS B 675 -1.48 -2.36 -27.35
N LEU B 676 -2.51 -2.59 -28.16
CA LEU B 676 -3.01 -3.94 -28.35
C LEU B 676 -2.28 -4.61 -29.51
N SER B 677 -2.33 -5.95 -29.52
CA SER B 677 -1.76 -6.68 -30.65
C SER B 677 -2.38 -6.23 -31.96
N ASN B 678 -3.65 -5.80 -31.91
CA ASN B 678 -4.28 -5.16 -33.05
C ASN B 678 -3.53 -3.91 -33.49
N GLY B 679 -2.75 -3.31 -32.60
CA GLY B 679 -2.08 -2.06 -32.86
C GLY B 679 -2.81 -0.83 -32.36
N ALA B 680 -3.86 -1.01 -31.56
CA ALA B 680 -4.65 0.11 -31.08
C ALA B 680 -4.11 0.61 -29.74
N ARG B 681 -4.09 1.94 -29.59
CA ARG B 681 -3.60 2.60 -28.38
C ARG B 681 -4.80 3.11 -27.59
N CYS B 682 -4.86 2.75 -26.31
CA CYS B 682 -5.98 3.09 -25.45
C CYS B 682 -5.48 3.49 -24.07
N SER B 683 -6.38 4.05 -23.26
CA SER B 683 -6.09 4.42 -21.89
C SER B 683 -7.16 3.85 -20.98
N MET B 684 -6.75 3.36 -19.81
CA MET B 684 -7.68 2.75 -18.87
C MET B 684 -7.30 3.13 -17.44
N ASN B 685 -8.32 3.28 -16.59
CA ASN B 685 -8.06 3.46 -15.18
C ASN B 685 -7.48 2.19 -14.56
N THR B 686 -6.55 2.35 -13.63
CA THR B 686 -5.89 1.19 -13.04
C THR B 686 -6.88 0.33 -12.27
N GLU B 687 -7.98 0.91 -11.78
CA GLU B 687 -8.96 0.13 -11.04
C GLU B 687 -9.52 -0.99 -11.93
N ASP B 688 -9.80 -0.68 -13.19
CA ASP B 688 -10.27 -1.72 -14.11
C ASP B 688 -9.14 -2.66 -14.51
N GLY B 689 -7.92 -2.13 -14.65
CA GLY B 689 -6.79 -2.95 -15.05
C GLY B 689 -6.25 -3.85 -13.97
N ALA B 690 -6.74 -3.72 -12.73
CA ALA B 690 -6.25 -4.58 -11.66
C ALA B 690 -6.43 -6.05 -12.00
N LYS B 691 -7.47 -6.40 -12.75
CA LYS B 691 -7.80 -7.79 -13.05
C LYS B 691 -7.25 -8.26 -14.38
N LEU B 692 -6.36 -7.50 -15.02
CA LEU B 692 -5.70 -7.97 -16.23
C LEU B 692 -4.59 -8.95 -15.86
N TYR B 693 -4.78 -10.22 -16.19
CA TYR B 693 -3.82 -11.26 -15.86
C TYR B 693 -2.44 -10.88 -16.40
N PHE B 712 2.62 -2.66 -12.72
CA PHE B 712 2.26 -1.97 -13.95
C PHE B 712 3.37 -1.01 -14.35
N TYR B 713 4.09 -1.35 -15.40
CA TYR B 713 5.32 -0.70 -15.80
C TYR B 713 5.37 -0.54 -17.31
N PRO B 714 6.08 0.49 -17.80
CA PRO B 714 6.21 0.64 -19.25
C PRO B 714 6.90 -0.57 -19.89
N GLY B 715 6.26 -1.10 -20.93
CA GLY B 715 6.79 -2.24 -21.65
C GLY B 715 6.26 -3.59 -21.20
N GLN B 716 5.34 -3.62 -20.25
CA GLN B 716 4.79 -4.89 -19.78
C GLN B 716 3.98 -5.56 -20.88
N VAL B 717 3.73 -6.86 -20.72
CA VAL B 717 2.89 -7.62 -21.61
C VAL B 717 1.89 -8.40 -20.77
N LEU B 718 0.60 -8.21 -21.04
CA LEU B 718 -0.47 -8.83 -20.28
C LEU B 718 -1.56 -9.31 -21.23
N ILE B 719 -2.54 -10.02 -20.67
CA ILE B 719 -3.70 -10.49 -21.41
C ILE B 719 -4.94 -10.09 -20.64
N GLY B 720 -6.06 -9.93 -21.35
CA GLY B 720 -7.31 -9.58 -20.71
C GLY B 720 -8.53 -9.94 -21.53
N PRO B 721 -9.58 -10.43 -20.87
CA PRO B 721 -10.84 -10.65 -21.60
C PRO B 721 -11.36 -9.34 -22.17
N ALA B 722 -12.01 -9.44 -23.33
CA ALA B 722 -12.40 -8.25 -24.07
C ALA B 722 -13.21 -7.29 -23.20
N LYS B 723 -14.14 -7.80 -22.40
CA LYS B 723 -15.06 -6.92 -21.68
C LYS B 723 -14.33 -5.93 -20.80
N ILE B 724 -13.13 -6.27 -20.33
CA ILE B 724 -12.39 -5.36 -19.45
C ILE B 724 -12.20 -4.01 -20.12
N PHE B 725 -12.16 -3.98 -21.44
CA PHE B 725 -11.92 -2.75 -22.19
C PHE B 725 -13.23 -2.02 -22.53
N SER B 726 -14.30 -2.25 -21.77
CA SER B 726 -15.55 -1.56 -22.04
C SER B 726 -15.43 -0.06 -21.75
N SER B 727 -14.78 0.30 -20.64
CA SER B 727 -14.76 1.68 -20.18
C SER B 727 -13.54 2.46 -20.65
N VAL B 728 -12.65 1.85 -21.42
CA VAL B 728 -11.42 2.55 -21.81
C VAL B 728 -11.73 3.64 -22.81
N GLN B 729 -10.73 4.49 -23.05
CA GLN B 729 -10.79 5.52 -24.07
C GLN B 729 -9.79 5.16 -25.15
N TRP B 730 -10.26 5.00 -26.38
CA TRP B 730 -9.44 4.49 -27.48
C TRP B 730 -8.71 5.66 -28.11
N LEU B 731 -7.48 5.90 -27.65
CA LEU B 731 -6.73 7.08 -28.08
C LEU B 731 -6.47 7.06 -29.58
N SER B 732 -6.11 5.90 -30.12
CA SER B 732 -5.77 5.80 -31.54
C SER B 732 -5.89 4.34 -31.96
N GLY B 733 -5.83 4.12 -33.27
CA GLY B 733 -5.98 2.80 -33.84
C GLY B 733 -7.42 2.44 -34.09
N VAL B 734 -7.61 1.30 -34.76
CA VAL B 734 -8.94 0.82 -35.09
C VAL B 734 -9.57 0.20 -33.86
N LYS B 735 -10.75 0.68 -33.51
CA LYS B 735 -11.44 0.17 -32.33
C LYS B 735 -11.86 -1.27 -32.56
N PRO B 736 -11.47 -2.21 -31.71
CA PRO B 736 -11.94 -3.59 -31.89
C PRO B 736 -13.32 -3.80 -31.29
N VAL B 737 -14.04 -4.77 -31.85
CA VAL B 737 -15.35 -5.14 -31.36
C VAL B 737 -15.18 -6.00 -30.11
N LEU B 738 -15.90 -5.64 -29.06
CA LEU B 738 -15.74 -6.28 -27.75
C LEU B 738 -16.66 -7.50 -27.68
N SER B 739 -16.09 -8.69 -27.78
CA SER B 739 -16.84 -9.93 -27.70
C SER B 739 -16.40 -10.70 -26.46
N THR B 740 -17.37 -11.26 -25.74
CA THR B 740 -17.06 -11.94 -24.48
C THR B 740 -16.09 -13.09 -24.67
N LYS B 741 -15.99 -13.63 -25.89
CA LYS B 741 -15.06 -14.71 -26.19
C LYS B 741 -13.86 -14.24 -27.01
N SER B 742 -13.39 -13.02 -26.75
CA SER B 742 -12.15 -12.52 -27.31
C SER B 742 -11.23 -12.09 -26.18
N LYS B 743 -9.95 -12.43 -26.30
CA LYS B 743 -8.96 -12.15 -25.27
C LYS B 743 -7.86 -11.30 -25.88
N PHE B 744 -7.86 -10.01 -25.56
CA PHE B 744 -6.83 -9.12 -26.07
C PHE B 744 -5.51 -9.36 -25.36
N ARG B 745 -4.41 -9.12 -26.08
CA ARG B 745 -3.07 -9.12 -25.51
C ARG B 745 -2.51 -7.71 -25.66
N VAL B 746 -2.01 -7.15 -24.57
CA VAL B 746 -1.67 -5.74 -24.47
C VAL B 746 -0.22 -5.59 -24.05
N VAL B 747 0.43 -4.57 -24.60
CA VAL B 747 1.74 -4.13 -24.16
C VAL B 747 1.57 -2.74 -23.58
N VAL B 748 1.94 -2.56 -22.31
CA VAL B 748 1.76 -1.28 -21.65
C VAL B 748 2.88 -0.34 -22.09
N GLU B 749 2.51 0.75 -22.76
CA GLU B 749 3.49 1.70 -23.25
C GLU B 749 3.93 2.68 -22.18
N GLU B 750 3.00 3.42 -21.58
CA GLU B 750 3.32 4.37 -20.53
C GLU B 750 2.30 4.25 -19.42
N VAL B 751 2.72 4.61 -18.21
CA VAL B 751 1.85 4.75 -17.06
C VAL B 751 1.71 6.23 -16.76
N GLN B 752 0.48 6.70 -16.62
CA GLN B 752 0.20 8.12 -16.47
C GLN B 752 -0.61 8.35 -15.21
N VAL B 753 -0.51 9.57 -14.70
CA VAL B 753 -1.28 10.00 -13.54
C VAL B 753 -2.44 10.86 -14.02
N VAL B 754 -3.64 10.53 -13.61
CA VAL B 754 -4.83 11.25 -14.05
C VAL B 754 -5.10 12.46 -13.17
N GLU B 755 -5.37 12.23 -11.89
CA GLU B 755 -5.59 13.31 -10.93
C GLU B 755 -4.91 12.97 -9.63
N LEU B 756 -4.95 13.92 -8.69
CA LEU B 756 -4.26 13.75 -7.42
C LEU B 756 -4.88 14.66 -6.37
N LYS B 757 -5.31 14.07 -5.25
CA LYS B 757 -5.93 14.79 -4.15
C LYS B 757 -4.85 15.22 -3.18
N VAL B 758 -4.48 16.50 -3.23
CA VAL B 758 -3.38 17.04 -2.45
C VAL B 758 -3.91 17.43 -1.06
N THR B 759 -3.26 16.89 -0.02
CA THR B 759 -3.52 17.31 1.36
C THR B 759 -2.47 18.36 1.71
N TRP B 760 -2.79 19.61 1.43
CA TRP B 760 -1.81 20.68 1.59
C TRP B 760 -1.42 20.84 3.05
N ILE B 761 -0.21 21.37 3.26
CA ILE B 761 0.32 21.61 4.59
C ILE B 761 0.73 23.07 4.77
N THR B 762 1.41 23.66 3.79
CA THR B 762 2.00 24.98 4.01
C THR B 762 1.98 25.79 2.73
N LYS B 763 1.95 27.10 2.90
CA LYS B 763 2.15 28.06 1.83
C LYS B 763 3.61 28.48 1.78
N SER B 764 4.14 28.60 0.57
CA SER B 764 5.54 28.88 0.36
C SER B 764 5.71 30.21 -0.34
N PHE B 765 6.70 30.98 0.11
CA PHE B 765 6.99 32.29 -0.45
C PHE B 765 7.03 32.25 -1.97
N VAL B 773 -3.73 33.09 1.40
CA VAL B 773 -5.03 33.14 0.76
C VAL B 773 -5.83 31.88 1.11
N SER B 774 -5.88 30.92 0.19
CA SER B 774 -6.64 29.70 0.40
C SER B 774 -6.05 28.61 -0.48
N PRO B 775 -6.28 27.34 -0.14
CA PRO B 775 -5.71 26.26 -0.95
C PRO B 775 -6.31 26.24 -2.34
N PRO B 776 -5.56 25.79 -3.33
CA PRO B 776 -6.15 25.54 -4.66
C PRO B 776 -7.04 24.32 -4.62
N PRO B 777 -7.57 23.87 -5.76
CA PRO B 777 -8.43 22.69 -5.75
C PRO B 777 -7.68 21.45 -5.26
N SER B 778 -8.40 20.60 -4.52
CA SER B 778 -7.80 19.37 -4.00
C SER B 778 -7.35 18.47 -5.14
N VAL B 779 -8.29 17.99 -5.95
CA VAL B 779 -7.97 17.13 -7.08
C VAL B 779 -7.62 18.05 -8.25
N ILE B 780 -6.33 18.33 -8.41
CA ILE B 780 -5.88 19.19 -9.49
C ILE B 780 -6.22 18.55 -10.83
N THR B 781 -6.74 19.36 -11.75
CA THR B 781 -7.06 18.86 -13.08
C THR B 781 -5.80 18.42 -13.80
N GLN B 782 -5.93 17.39 -14.63
CA GLN B 782 -4.76 16.81 -15.28
C GLN B 782 -3.96 17.85 -16.03
N GLU B 783 -4.63 18.81 -16.67
CA GLU B 783 -3.90 19.84 -17.41
C GLU B 783 -2.99 20.66 -16.51
N ASN B 784 -3.22 20.65 -15.20
CA ASN B 784 -2.42 21.41 -14.26
C ASN B 784 -1.40 20.54 -13.52
N LEU B 785 -1.22 19.29 -13.93
CA LEU B 785 -0.21 18.42 -13.31
C LEU B 785 1.19 18.69 -13.84
N GLY B 786 1.33 19.41 -14.94
CA GLY B 786 2.65 19.69 -15.47
C GLY B 786 3.48 20.58 -14.57
N ARG B 787 2.81 21.37 -13.72
CA ARG B 787 3.50 22.27 -12.80
C ARG B 787 3.81 21.62 -11.46
N VAL B 788 3.33 20.42 -11.21
CA VAL B 788 3.56 19.75 -9.93
C VAL B 788 4.92 19.07 -9.97
N LYS B 789 5.76 19.38 -8.97
CA LYS B 789 7.11 18.85 -8.88
C LYS B 789 7.20 17.95 -7.65
N ARG B 790 7.69 16.72 -7.84
CA ARG B 790 7.77 15.79 -6.74
C ARG B 790 8.73 16.31 -5.66
N LEU B 791 8.41 15.99 -4.41
CA LEU B 791 9.21 16.38 -3.26
C LEU B 791 9.66 17.83 -3.33
N ASP B 795 14.95 15.70 -3.70
CA ASP B 795 14.72 14.26 -3.83
C ASP B 795 15.88 13.49 -3.21
N HIS B 796 15.66 12.20 -2.96
CA HIS B 796 16.69 11.35 -2.38
C HIS B 796 16.55 9.93 -2.90
N ALA B 797 17.59 9.13 -2.68
CA ALA B 797 17.64 7.75 -3.14
C ALA B 797 17.62 6.81 -1.94
N GLN B 798 16.50 6.16 -1.71
CA GLN B 798 16.35 5.09 -0.74
C GLN B 798 15.99 3.80 -1.44
N ARG B 799 16.58 3.58 -2.61
CA ARG B 799 16.21 2.47 -3.47
C ARG B 799 16.49 1.14 -2.80
N GLN B 800 15.45 0.47 -2.33
CA GLN B 800 15.59 -0.78 -1.62
C GLN B 800 15.47 -1.96 -2.57
N LEU B 801 15.81 -3.14 -2.05
CA LEU B 801 15.74 -4.35 -2.85
C LEU B 801 14.31 -4.58 -3.32
N GLY B 802 14.16 -4.87 -4.61
CA GLY B 802 12.85 -5.18 -5.15
C GLY B 802 11.98 -3.99 -5.48
N GLU B 803 12.57 -2.83 -5.78
CA GLU B 803 11.80 -1.63 -6.09
C GLU B 803 11.76 -1.42 -7.60
N ARG B 804 10.57 -1.50 -8.17
CA ARG B 804 10.42 -1.30 -9.61
C ARG B 804 10.88 0.09 -9.99
N CYS B 805 11.61 0.19 -11.11
CA CYS B 805 12.08 1.49 -11.57
C CYS B 805 12.46 1.35 -13.04
N LEU B 806 12.95 2.45 -13.61
CA LEU B 806 13.26 2.51 -15.03
C LEU B 806 14.74 2.84 -15.21
N TYR B 807 15.46 1.94 -15.86
CA TYR B 807 16.85 2.19 -16.20
C TYR B 807 16.95 2.75 -17.61
N VAL B 808 17.87 3.69 -17.81
CA VAL B 808 18.10 4.33 -19.09
C VAL B 808 19.50 3.98 -19.56
N PHE B 809 19.59 3.42 -20.77
CA PHE B 809 20.90 3.06 -21.31
C PHE B 809 21.72 4.32 -21.60
N PRO B 810 23.05 4.23 -21.51
CA PRO B 810 23.91 5.40 -21.76
C PRO B 810 23.88 5.84 -23.22
N ASP B 994 16.40 4.90 -23.59
CA ASP B 994 15.84 3.57 -23.74
C ASP B 994 15.32 3.05 -22.40
N ARG B 995 14.21 3.63 -21.95
CA ARG B 995 13.65 3.24 -20.67
C ARG B 995 13.34 1.75 -20.65
N VAL B 996 13.75 1.07 -19.58
CA VAL B 996 13.47 -0.34 -19.42
C VAL B 996 13.12 -0.60 -17.97
N ALA B 997 12.10 -1.42 -17.74
CA ALA B 997 11.63 -1.70 -16.39
C ALA B 997 12.58 -2.68 -15.71
N VAL B 998 13.13 -2.27 -14.58
CA VAL B 998 14.11 -3.06 -13.85
C VAL B 998 13.67 -3.17 -12.39
N GLU B 999 14.13 -4.24 -11.75
CA GLU B 999 13.93 -4.46 -10.32
C GLU B 999 15.30 -4.57 -9.69
N VAL B 1000 15.51 -3.83 -8.61
CA VAL B 1000 16.80 -3.82 -7.95
C VAL B 1000 17.01 -5.14 -7.22
N VAL B 1001 18.07 -5.86 -7.60
CA VAL B 1001 18.38 -7.13 -6.97
C VAL B 1001 19.51 -7.02 -5.95
N THR B 1002 20.37 -6.02 -6.04
CA THR B 1002 21.39 -5.77 -5.03
C THR B 1002 21.56 -4.28 -4.86
N THR B 1003 22.10 -3.87 -3.72
CA THR B 1003 22.45 -2.48 -3.47
C THR B 1003 23.81 -2.41 -2.80
N MET B 1004 24.50 -1.31 -3.04
CA MET B 1004 25.88 -1.10 -2.59
C MET B 1004 25.92 0.26 -1.90
N THR B 1005 25.56 0.27 -0.61
CA THR B 1005 25.41 1.54 0.11
C THR B 1005 26.77 2.02 0.59
N SER B 1006 27.33 2.97 -0.14
CA SER B 1006 28.56 3.66 0.26
C SER B 1006 28.14 5.10 0.56
N ALA B 1007 28.21 5.48 1.83
CA ALA B 1007 27.65 6.74 2.30
C ALA B 1007 28.74 7.64 2.87
N ASP B 1008 28.50 8.95 2.77
CA ASP B 1008 29.39 9.93 3.37
C ASP B 1008 28.92 10.21 4.80
N VAL B 1009 29.87 10.28 5.74
CA VAL B 1009 29.56 10.41 7.16
C VAL B 1009 30.32 11.61 7.71
N MET B 1010 29.60 12.48 8.42
CA MET B 1010 30.23 13.55 9.20
C MET B 1010 30.27 13.07 10.65
N TRP B 1011 31.48 12.86 11.15
CA TRP B 1011 31.65 12.27 12.47
C TRP B 1011 31.68 13.37 13.54
N GLN B 1012 31.55 12.94 14.81
CA GLN B 1012 31.44 13.90 15.89
C GLN B 1012 32.74 14.67 16.10
N ASP B 1013 33.84 14.23 15.49
CA ASP B 1013 35.10 14.95 15.59
C ASP B 1013 35.26 16.01 14.52
N GLY B 1014 34.28 16.14 13.62
CA GLY B 1014 34.36 17.09 12.53
C GLY B 1014 34.85 16.53 11.22
N SER B 1015 35.51 15.37 11.24
CA SER B 1015 35.99 14.74 10.03
C SER B 1015 34.82 14.23 9.20
N VAL B 1016 34.96 14.31 7.88
CA VAL B 1016 33.95 13.81 6.96
C VAL B 1016 34.52 12.63 6.19
N GLU B 1017 34.32 11.42 6.72
CA GLU B 1017 34.87 10.21 6.09
C GLU B 1017 33.98 9.83 4.91
N CYS B 1018 34.25 10.47 3.78
CA CYS B 1018 33.47 10.24 2.58
C CYS B 1018 33.73 8.84 2.01
N ASN B 1019 32.71 8.27 1.39
CA ASN B 1019 32.80 6.97 0.74
C ASN B 1019 33.33 5.90 1.70
N ILE B 1020 32.55 5.66 2.74
CA ILE B 1020 32.80 4.56 3.67
C ILE B 1020 31.74 3.50 3.44
N ARG B 1021 32.17 2.27 3.20
CA ARG B 1021 31.24 1.16 3.06
C ARG B 1021 30.28 1.13 4.23
N SER B 1022 28.99 0.99 3.93
CA SER B 1022 27.99 0.94 4.99
C SER B 1022 28.20 -0.24 5.91
N ASN B 1023 28.69 -1.36 5.39
CA ASN B 1023 28.92 -2.53 6.24
C ASN B 1023 29.86 -2.24 7.39
N ASP B 1024 30.75 -1.25 7.23
CA ASP B 1024 31.63 -0.84 8.32
C ASP B 1024 30.93 0.05 9.33
N LEU B 1025 29.74 0.56 9.01
CA LEU B 1025 28.97 1.40 9.90
C LEU B 1025 27.78 0.61 10.46
N PHE B 1026 27.31 1.04 11.63
CA PHE B 1026 26.04 0.55 12.14
C PHE B 1026 25.30 1.76 12.74
N PRO B 1027 24.01 1.92 12.43
CA PRO B 1027 23.28 3.08 12.94
C PRO B 1027 22.97 2.94 14.42
N VAL B 1028 22.73 4.08 15.06
CA VAL B 1028 22.33 4.13 16.45
C VAL B 1028 20.83 4.42 16.49
N HIS B 1029 20.05 3.42 16.89
CA HIS B 1029 18.60 3.60 16.95
C HIS B 1029 18.23 4.72 17.91
N HIS B 1030 19.06 4.94 18.93
CA HIS B 1030 18.68 5.76 20.07
C HIS B 1030 19.87 6.61 20.51
N LEU B 1031 19.65 7.92 20.58
CA LEU B 1031 20.62 8.84 21.13
C LEU B 1031 20.21 9.25 22.53
N ASP B 1032 21.20 9.46 23.38
CA ASP B 1032 21.01 9.81 24.78
C ASP B 1032 20.44 11.20 25.00
N ASN B 1033 20.06 11.94 23.96
CA ASN B 1033 19.49 13.27 24.04
C ASN B 1033 20.53 14.30 24.49
N ASN B 1034 21.73 13.87 24.84
CA ASN B 1034 22.82 14.77 25.18
C ASN B 1034 24.01 14.63 24.23
N GLU B 1035 23.95 13.69 23.29
CA GLU B 1035 24.86 13.73 22.15
C GLU B 1035 24.45 14.88 21.24
N PHE B 1036 25.44 15.46 20.55
CA PHE B 1036 25.18 16.58 19.64
C PHE B 1036 26.16 16.48 18.48
N CYS B 1037 25.72 15.85 17.40
CA CYS B 1037 26.56 15.74 16.23
C CYS B 1037 26.74 17.11 15.58
N PRO B 1038 27.80 17.32 14.82
CA PRO B 1038 28.05 18.63 14.23
C PRO B 1038 26.82 19.14 13.50
N GLY B 1039 26.44 20.39 13.78
CA GLY B 1039 25.32 21.03 13.15
C GLY B 1039 24.06 21.07 13.98
N ASP B 1040 23.95 20.23 15.00
CA ASP B 1040 22.75 20.25 15.84
C ASP B 1040 22.67 21.57 16.60
N PHE B 1041 21.66 22.37 16.27
CA PHE B 1041 21.47 23.63 16.97
C PHE B 1041 21.12 23.38 18.42
N VAL B 1042 21.66 24.22 19.32
CA VAL B 1042 21.42 24.08 20.75
C VAL B 1042 21.36 25.47 21.38
N VAL B 1043 20.77 25.52 22.57
CA VAL B 1043 20.72 26.73 23.38
C VAL B 1043 21.40 26.46 24.71
N ASP B 1044 22.00 27.49 25.28
CA ASP B 1044 22.74 27.35 26.53
C ASP B 1044 21.78 27.12 27.69
N LYS B 1045 22.28 26.45 28.73
CA LYS B 1045 21.58 26.32 29.99
C LYS B 1045 22.44 26.77 31.17
N ARG B 1046 23.57 27.43 30.91
CA ARG B 1046 24.35 28.02 31.97
C ARG B 1046 23.60 29.22 32.57
N VAL B 1047 23.61 29.30 33.89
CA VAL B 1047 22.80 30.31 34.57
C VAL B 1047 23.26 31.71 34.17
N GLN B 1048 24.57 31.94 34.14
CA GLN B 1048 25.08 33.28 33.88
C GLN B 1048 25.32 33.50 32.39
N SER B 1049 26.07 32.60 31.76
CA SER B 1049 26.40 32.75 30.36
C SER B 1049 25.15 32.74 29.50
N CYS B 1050 25.17 33.54 28.43
CA CYS B 1050 24.08 33.62 27.47
C CYS B 1050 22.79 34.11 28.14
N PRO B 1051 22.83 35.26 28.82
CA PRO B 1051 21.58 35.80 29.39
C PRO B 1051 20.54 36.15 28.34
N ASP B 1052 20.98 36.58 27.16
CA ASP B 1052 20.05 36.97 26.11
C ASP B 1052 19.40 35.73 25.49
N PRO B 1053 18.07 35.62 25.48
CA PRO B 1053 17.45 34.46 24.80
C PRO B 1053 17.73 34.41 23.32
N ALA B 1054 18.13 35.53 22.71
CA ALA B 1054 18.32 35.58 21.25
C ALA B 1054 19.47 34.69 20.79
N VAL B 1055 20.43 34.37 21.64
CA VAL B 1055 21.58 33.57 21.23
C VAL B 1055 21.14 32.12 21.06
N TYR B 1056 21.75 31.45 20.09
CA TYR B 1056 21.63 30.01 19.95
C TYR B 1056 23.00 29.44 19.66
N GLY B 1057 23.11 28.12 19.78
CA GLY B 1057 24.38 27.43 19.65
C GLY B 1057 24.35 26.44 18.49
N VAL B 1058 25.50 26.23 17.88
CA VAL B 1058 25.70 25.21 16.87
C VAL B 1058 26.95 24.42 17.24
N VAL B 1059 26.78 23.10 17.39
CA VAL B 1059 27.88 22.26 17.83
C VAL B 1059 28.77 21.93 16.63
N GLN B 1060 30.07 22.00 16.83
CA GLN B 1060 31.04 21.75 15.76
C GLN B 1060 31.64 20.36 15.86
N SER B 1061 32.08 19.97 17.04
CA SER B 1061 32.65 18.65 17.24
C SER B 1061 32.64 18.33 18.74
N GLY B 1062 32.77 17.06 19.05
CA GLY B 1062 32.78 16.62 20.43
C GLY B 1062 33.49 15.30 20.60
N ASP B 1063 34.03 15.09 21.79
CA ASP B 1063 34.71 13.86 22.14
C ASP B 1063 33.75 12.96 22.92
N HIS B 1064 33.40 11.82 22.34
CA HIS B 1064 32.40 10.95 22.95
C HIS B 1064 32.82 10.53 24.34
N ILE B 1065 34.06 10.04 24.49
CA ILE B 1065 34.52 9.59 25.80
C ILE B 1065 34.53 10.76 26.77
N GLY B 1066 34.90 11.94 26.28
CA GLY B 1066 34.91 13.12 27.12
C GLY B 1066 33.55 13.74 27.36
N ARG B 1067 32.52 13.33 26.63
CA ARG B 1067 31.19 13.90 26.77
C ARG B 1067 31.27 15.42 26.73
N THR B 1068 32.21 15.93 25.96
CA THR B 1068 32.46 17.36 25.85
C THR B 1068 32.44 17.75 24.39
N CYS B 1069 31.75 18.85 24.09
CA CYS B 1069 31.62 19.31 22.71
C CYS B 1069 31.90 20.81 22.67
N MET B 1070 32.38 21.26 21.52
CA MET B 1070 32.68 22.66 21.27
C MET B 1070 31.57 23.24 20.40
N VAL B 1071 31.20 24.50 20.68
CA VAL B 1071 30.07 25.12 20.00
C VAL B 1071 30.45 26.52 19.56
N LYS B 1072 29.68 27.04 18.61
CA LYS B 1072 29.69 28.46 18.26
C LYS B 1072 28.34 29.05 18.63
N TRP B 1073 28.37 30.21 19.27
CA TRP B 1073 27.17 30.92 19.69
C TRP B 1073 26.93 32.05 18.70
N PHE B 1074 25.74 32.06 18.10
CA PHE B 1074 25.32 33.09 17.16
C PHE B 1074 24.10 33.83 17.70
N LYS B 1075 23.88 35.02 17.16
CA LYS B 1075 22.65 35.77 17.39
C LYS B 1075 22.29 36.52 16.12
N LEU B 1076 20.99 36.71 15.91
CA LEU B 1076 20.52 37.39 14.73
C LEU B 1076 20.89 38.87 14.76
N ARG B 1077 21.06 39.45 13.58
CA ARG B 1077 21.26 40.89 13.49
C ARG B 1077 19.92 41.59 13.61
N PRO B 1078 19.80 42.63 14.45
CA PRO B 1078 18.50 43.32 14.54
C PRO B 1078 18.02 43.87 13.21
N SER B 1079 18.93 44.33 12.36
CA SER B 1079 18.59 44.86 11.04
C SER B 1079 18.95 43.83 9.98
N GLY B 1080 18.18 43.84 8.89
CA GLY B 1080 18.42 42.91 7.82
C GLY B 1080 18.06 41.49 8.22
N ASP B 1081 18.52 40.54 7.39
CA ASP B 1081 18.26 39.12 7.60
C ASP B 1081 19.56 38.33 7.77
N ASP B 1082 20.59 38.95 8.37
CA ASP B 1082 21.88 38.30 8.53
C ASP B 1082 22.06 37.83 9.98
N VAL B 1083 23.20 37.20 10.23
CA VAL B 1083 23.55 36.68 11.55
C VAL B 1083 24.98 37.08 11.86
N GLU B 1084 25.31 37.08 13.16
CA GLU B 1084 26.65 37.39 13.62
C GLU B 1084 27.09 36.33 14.63
N LEU B 1085 28.41 36.14 14.73
CA LEU B 1085 28.99 35.14 15.62
C LEU B 1085 29.25 35.80 16.97
N ILE B 1086 28.46 35.42 17.98
CA ILE B 1086 28.75 35.89 19.34
C ILE B 1086 30.09 35.36 19.81
N GLY B 1087 30.34 34.07 19.60
CA GLY B 1087 31.65 33.54 19.96
C GLY B 1087 31.79 32.04 20.00
N GLU B 1088 33.03 31.57 19.80
CA GLU B 1088 33.32 30.15 19.89
C GLU B 1088 33.67 29.79 21.33
N GLU B 1089 33.14 28.66 21.79
CA GLU B 1089 33.41 28.17 23.15
C GLU B 1089 33.64 26.66 23.06
N GLU B 1090 34.86 26.23 23.34
CA GLU B 1090 35.21 24.83 23.36
C GLU B 1090 35.19 24.31 24.78
N ASP B 1091 35.32 22.99 24.91
CA ASP B 1091 35.29 22.33 26.21
C ASP B 1091 33.95 22.51 26.91
N VAL B 1092 32.90 22.82 26.16
CA VAL B 1092 31.58 23.05 26.74
C VAL B 1092 30.89 21.71 26.94
N SER B 1093 30.53 21.41 28.18
CA SER B 1093 29.84 20.16 28.46
C SER B 1093 28.50 20.13 27.76
N VAL B 1094 28.17 18.98 27.16
CA VAL B 1094 26.89 18.85 26.47
C VAL B 1094 25.75 19.10 27.44
N TYR B 1095 25.95 18.76 28.71
CA TYR B 1095 24.90 18.93 29.70
C TYR B 1095 24.51 20.38 29.89
N ASP B 1096 25.40 21.32 29.56
CA ASP B 1096 25.08 22.74 29.68
C ASP B 1096 24.32 23.27 28.47
N ILE B 1097 24.11 22.46 27.44
CA ILE B 1097 23.40 22.88 26.24
C ILE B 1097 22.26 21.89 26.00
N ALA B 1098 21.21 22.38 25.35
CA ALA B 1098 20.03 21.57 25.07
C ALA B 1098 19.57 21.81 23.65
N ASP B 1099 19.04 20.76 23.04
CA ASP B 1099 18.51 20.86 21.69
C ASP B 1099 17.62 22.09 21.58
N HIS B 1100 17.90 22.92 20.60
CA HIS B 1100 17.22 24.20 20.50
C HIS B 1100 15.71 23.96 20.37
N PRO B 1101 14.87 24.71 21.09
CA PRO B 1101 13.43 24.50 20.94
C PRO B 1101 12.93 24.49 19.51
N ASP B 1102 13.27 25.53 18.73
CA ASP B 1102 12.67 25.74 17.42
C ASP B 1102 13.48 25.13 16.28
N PHE B 1103 14.74 25.57 16.11
CA PHE B 1103 15.57 25.06 15.02
C PHE B 1103 15.95 23.62 15.30
N ARG B 1104 15.44 22.69 14.49
CA ARG B 1104 15.78 21.29 14.60
C ARG B 1104 16.19 20.73 13.24
N PHE B 1105 16.81 21.56 12.40
CA PHE B 1105 17.13 21.16 11.04
C PHE B 1105 18.01 19.92 11.03
N ARG B 1106 17.62 18.94 10.23
CA ARG B 1106 18.42 17.76 9.96
C ARG B 1106 18.17 17.35 8.51
N THR B 1107 19.03 16.49 7.99
CA THR B 1107 18.97 16.12 6.58
C THR B 1107 17.57 15.66 6.18
N THR B 1108 17.26 15.75 4.89
CA THR B 1108 15.98 15.33 4.32
C THR B 1108 14.82 15.62 5.26
N ASP B 1109 14.72 16.90 5.64
CA ASP B 1109 13.57 17.41 6.38
C ASP B 1109 12.95 18.53 5.57
N ILE B 1110 11.64 18.43 5.34
CA ILE B 1110 10.96 19.38 4.45
C ILE B 1110 10.97 20.76 5.08
N VAL B 1111 11.18 21.78 4.24
CA VAL B 1111 11.31 23.15 4.70
C VAL B 1111 10.74 24.09 3.65
N ILE B 1112 10.35 25.28 4.12
CA ILE B 1112 9.70 26.31 3.31
C ILE B 1112 10.43 27.62 3.51
N ARG B 1113 10.78 28.28 2.40
CA ARG B 1113 11.44 29.57 2.47
C ARG B 1113 10.48 30.64 2.99
N ILE B 1114 11.01 31.59 3.75
CA ILE B 1114 10.23 32.66 4.33
C ILE B 1114 10.95 33.98 4.08
N GLY B 1115 10.21 35.08 4.20
CA GLY B 1115 10.77 36.40 4.03
C GLY B 1115 11.89 36.70 5.00
N GLU B 1127 11.27 32.31 -7.48
CA GLU B 1127 12.36 31.41 -7.09
C GLU B 1127 11.80 30.18 -6.38
N PRO B 1128 12.61 29.13 -6.26
CA PRO B 1128 12.17 27.95 -5.52
C PRO B 1128 11.83 28.30 -4.08
N SER B 1129 10.79 27.67 -3.56
CA SER B 1129 10.26 28.02 -2.25
C SER B 1129 10.02 26.82 -1.33
N VAL B 1130 9.99 25.60 -1.85
CA VAL B 1130 9.78 24.40 -1.05
C VAL B 1130 10.97 23.47 -1.29
N GLY B 1131 11.48 22.86 -0.23
CA GLY B 1131 12.62 22.00 -0.41
C GLY B 1131 12.83 21.08 0.76
N GLN B 1132 14.00 20.46 0.78
CA GLN B 1132 14.40 19.54 1.84
C GLN B 1132 15.74 19.97 2.42
N VAL B 1133 15.94 19.68 3.70
CA VAL B 1133 17.22 19.98 4.35
C VAL B 1133 18.21 18.88 3.99
N ALA B 1134 19.35 19.26 3.41
CA ALA B 1134 20.38 18.31 3.07
C ALA B 1134 21.44 18.19 4.17
N ARG B 1135 22.10 19.30 4.48
CA ARG B 1135 23.10 19.31 5.53
C ARG B 1135 23.04 20.64 6.27
N VAL B 1136 23.11 20.56 7.60
CA VAL B 1136 23.17 21.74 8.45
C VAL B 1136 24.64 22.09 8.61
N ASP B 1137 25.08 23.13 7.93
CA ASP B 1137 26.50 23.45 7.91
C ASP B 1137 26.99 23.82 9.30
N VAL B 1138 28.26 23.54 9.56
CA VAL B 1138 28.87 23.93 10.82
C VAL B 1138 28.79 25.44 11.00
N SER B 1139 28.74 26.18 9.89
CA SER B 1139 28.51 27.61 9.96
C SER B 1139 27.03 27.88 10.26
N SER B 1140 26.66 29.15 10.21
CA SER B 1140 25.28 29.53 10.54
C SER B 1140 24.30 28.96 9.51
N LYS B 1141 24.59 29.17 8.23
CA LYS B 1141 23.61 28.88 7.20
C LYS B 1141 23.32 27.37 7.14
N VAL B 1142 22.28 27.03 6.39
CA VAL B 1142 21.83 25.66 6.21
C VAL B 1142 21.66 25.40 4.72
N GLU B 1143 21.81 24.13 4.33
CA GLU B 1143 21.74 23.73 2.94
C GLU B 1143 20.39 23.09 2.64
N VAL B 1144 19.69 23.64 1.65
CA VAL B 1144 18.37 23.16 1.27
C VAL B 1144 18.42 22.80 -0.21
N VAL B 1145 17.99 21.59 -0.54
CA VAL B 1145 17.72 21.20 -1.92
C VAL B 1145 16.29 21.61 -2.22
N TRP B 1146 16.13 22.68 -2.99
CA TRP B 1146 14.81 23.12 -3.42
C TRP B 1146 14.35 22.20 -4.55
N ALA B 1147 13.41 21.31 -4.24
CA ALA B 1147 13.10 20.22 -5.14
C ALA B 1147 14.40 19.49 -5.46
N ASP B 1148 14.76 19.38 -6.74
CA ASP B 1148 16.11 19.00 -7.14
C ASP B 1148 16.82 20.12 -7.88
N ASN B 1149 16.31 21.35 -7.75
CA ASN B 1149 16.84 22.46 -8.53
C ASN B 1149 18.30 22.75 -8.18
N SER B 1150 18.58 22.93 -6.90
CA SER B 1150 19.94 23.28 -6.48
C SER B 1150 20.03 23.29 -4.97
N LYS B 1151 21.18 22.88 -4.45
CA LYS B 1151 21.50 23.06 -3.04
C LYS B 1151 21.85 24.53 -2.82
N THR B 1152 21.17 25.18 -1.87
CA THR B 1152 21.37 26.60 -1.61
C THR B 1152 21.50 26.84 -0.11
N ILE B 1153 22.19 27.93 0.22
CA ILE B 1153 22.48 28.31 1.59
C ILE B 1153 21.43 29.32 2.05
N ILE B 1154 20.88 29.10 3.25
CA ILE B 1154 19.86 29.97 3.81
C ILE B 1154 19.89 29.89 5.33
N LEU B 1155 19.74 31.03 5.99
CA LEU B 1155 19.78 31.08 7.44
C LEU B 1155 18.53 30.45 8.05
N PRO B 1156 18.62 29.94 9.28
CA PRO B 1156 17.41 29.47 9.97
C PRO B 1156 16.38 30.55 10.19
N GLN B 1157 16.80 31.81 10.26
CA GLN B 1157 15.88 32.89 10.63
C GLN B 1157 14.64 32.89 9.76
N HIS B 1158 14.80 32.60 8.46
CA HIS B 1158 13.71 32.68 7.50
C HIS B 1158 13.58 31.37 6.73
N LEU B 1159 13.59 30.26 7.46
CA LEU B 1159 13.35 28.93 6.87
C LEU B 1159 12.43 28.18 7.83
N TYR B 1160 11.13 28.17 7.52
CA TYR B 1160 10.20 27.42 8.35
C TYR B 1160 10.36 25.93 8.08
N ASN B 1161 10.12 25.12 9.10
CA ASN B 1161 10.29 23.69 9.03
C ASN B 1161 8.94 22.99 9.20
N ILE B 1162 8.86 21.76 8.71
CA ILE B 1162 7.65 20.96 8.81
C ILE B 1162 7.87 19.79 9.75
N VAL B 1380 2.84 10.17 58.75
CA VAL B 1380 2.84 10.05 57.29
C VAL B 1380 1.70 10.87 56.70
N PHE B 1381 0.49 10.32 56.75
CA PHE B 1381 -0.65 10.99 56.16
C PHE B 1381 -1.07 12.19 57.00
N SER B 1382 -1.79 13.12 56.35
CA SER B 1382 -2.35 14.27 57.05
C SER B 1382 -3.44 14.87 56.19
N VAL B 1383 -4.24 15.74 56.81
CA VAL B 1383 -5.30 16.47 56.12
C VAL B 1383 -5.10 17.93 56.47
N LEU B 1384 -4.35 18.65 55.63
CA LEU B 1384 -4.10 20.06 55.87
C LEU B 1384 -5.39 20.86 55.65
N GLU B 1385 -5.46 22.00 56.30
CA GLU B 1385 -6.61 22.89 56.16
C GLU B 1385 -6.37 23.87 55.02
N PHE B 1386 -7.30 24.82 54.86
CA PHE B 1386 -7.17 25.88 53.87
C PHE B 1386 -7.13 25.31 52.45
N ALA B 1387 -6.64 26.09 51.51
CA ALA B 1387 -6.59 25.70 50.10
C ALA B 1387 -5.20 25.99 49.54
N PRO B 1388 -4.79 25.26 48.51
CA PRO B 1388 -3.47 25.51 47.91
C PRO B 1388 -3.42 26.89 47.24
N SER B 1389 -2.41 27.67 47.58
CA SER B 1389 -2.23 28.99 47.01
C SER B 1389 -1.41 28.87 45.73
N ASN B 1390 -2.05 29.10 44.58
CA ASN B 1390 -1.41 28.99 43.29
C ASN B 1390 -0.65 27.66 43.19
N HIS B 1391 -1.40 26.57 43.40
CA HIS B 1391 -0.80 25.26 43.55
C HIS B 1391 -1.87 24.20 43.26
N SER B 1392 -1.41 22.98 43.00
CA SER B 1392 -2.27 21.82 42.78
C SER B 1392 -3.13 22.07 41.55
N PHE B 1393 -4.45 22.18 41.66
CA PHE B 1393 -5.32 22.24 40.49
C PHE B 1393 -6.42 23.27 40.72
N LYS B 1394 -6.45 24.30 39.88
CA LYS B 1394 -7.50 25.30 39.86
C LYS B 1394 -8.22 25.24 38.51
N LYS B 1395 -9.24 26.09 38.36
CA LYS B 1395 -10.03 26.17 37.14
C LYS B 1395 -10.72 24.84 36.82
N ILE B 1396 -10.94 24.01 37.84
CA ILE B 1396 -11.50 22.67 37.63
C ILE B 1396 -13.00 22.65 37.88
N GLU B 1397 -13.47 23.29 38.95
CA GLU B 1397 -14.88 23.22 39.34
C GLU B 1397 -15.32 21.76 39.47
N PHE B 1398 -14.50 20.99 40.18
CA PHE B 1398 -14.72 19.56 40.31
C PHE B 1398 -16.10 19.27 40.89
N GLN B 1399 -16.78 18.27 40.32
CA GLN B 1399 -18.10 17.87 40.77
C GLN B 1399 -18.32 16.40 40.45
N PRO B 1400 -18.17 15.49 41.42
CA PRO B 1400 -18.34 14.07 41.13
C PRO B 1400 -19.80 13.73 40.90
N PRO B 1401 -20.12 12.91 39.89
CA PRO B 1401 -21.53 12.55 39.68
C PRO B 1401 -22.16 11.89 40.90
N GLU B 1402 -21.39 11.08 41.62
CA GLU B 1402 -21.86 10.39 42.83
C GLU B 1402 -20.85 10.69 43.93
N ALA B 1403 -21.06 11.80 44.64
CA ALA B 1403 -20.11 12.21 45.67
C ALA B 1403 -20.00 11.17 46.76
N LYS B 1404 -21.10 10.49 47.08
CA LYS B 1404 -21.08 9.51 48.17
C LYS B 1404 -20.16 8.34 47.83
N LYS B 1405 -20.20 7.85 46.59
CA LYS B 1405 -19.32 6.76 46.22
C LYS B 1405 -17.86 7.21 46.19
N PHE B 1406 -17.61 8.46 45.79
CA PHE B 1406 -16.25 8.98 45.83
C PHE B 1406 -15.74 9.04 47.26
N PHE B 1407 -16.59 9.48 48.20
CA PHE B 1407 -16.20 9.47 49.60
C PHE B 1407 -15.94 8.06 50.10
N SER B 1408 -16.81 7.11 49.72
CA SER B 1408 -16.59 5.72 50.08
C SER B 1408 -15.23 5.24 49.61
N THR B 1409 -14.88 5.55 48.36
CA THR B 1409 -13.58 5.16 47.85
C THR B 1409 -12.45 5.80 48.64
N VAL B 1410 -12.49 7.13 48.79
CA VAL B 1410 -11.37 7.82 49.39
C VAL B 1410 -11.17 7.40 50.84
N ARG B 1411 -12.23 6.98 51.54
CA ARG B 1411 -12.05 6.50 52.90
C ARG B 1411 -11.12 5.29 52.94
N LYS B 1412 -11.41 4.28 52.12
CA LYS B 1412 -10.54 3.11 52.08
C LYS B 1412 -9.18 3.44 51.51
N GLU B 1413 -9.11 4.36 50.54
CA GLU B 1413 -7.82 4.77 50.01
C GLU B 1413 -6.95 5.37 51.11
N MET B 1414 -7.52 6.27 51.91
CA MET B 1414 -6.78 6.86 53.02
C MET B 1414 -6.39 5.81 54.04
N ALA B 1415 -7.28 4.88 54.36
CA ALA B 1415 -6.93 3.82 55.31
C ALA B 1415 -5.73 3.02 54.80
N LEU B 1416 -5.79 2.59 53.53
CA LEU B 1416 -4.68 1.84 52.97
C LEU B 1416 -3.39 2.65 52.98
N LEU B 1417 -3.47 3.93 52.62
CA LEU B 1417 -2.28 4.78 52.60
C LEU B 1417 -1.68 4.90 53.99
N ALA B 1418 -2.51 5.19 54.99
CA ALA B 1418 -2.00 5.30 56.34
C ALA B 1418 -1.47 3.97 56.86
N THR B 1419 -1.91 2.86 56.29
CA THR B 1419 -1.52 1.55 56.81
C THR B 1419 -0.33 0.93 56.09
N SER B 1420 -0.08 1.28 54.82
CA SER B 1420 0.89 0.56 54.01
C SER B 1420 1.82 1.52 53.27
N LEU B 1421 2.41 2.47 54.01
CA LEU B 1421 3.41 3.39 53.47
C LEU B 1421 4.63 3.37 54.37
N PRO B 1422 5.44 2.32 54.31
CA PRO B 1422 6.63 2.21 55.18
C PRO B 1422 7.94 2.70 54.57
N GLU B 1423 7.97 3.05 53.29
CA GLU B 1423 9.20 3.46 52.63
C GLU B 1423 9.44 4.96 52.70
N GLY B 1424 8.86 5.64 53.69
CA GLY B 1424 9.05 7.06 53.86
C GLY B 1424 8.17 7.93 53.00
N ILE B 1425 7.89 7.52 51.77
CA ILE B 1425 6.98 8.24 50.88
C ILE B 1425 5.72 8.63 51.64
N MET B 1426 5.24 9.86 51.46
CA MET B 1426 4.07 10.31 52.20
C MET B 1426 3.21 11.23 51.36
N VAL B 1427 1.96 11.39 51.80
CA VAL B 1427 0.95 12.13 51.07
C VAL B 1427 0.20 13.03 52.05
N LYS B 1428 -0.61 13.91 51.49
CA LYS B 1428 -1.47 14.80 52.27
C LYS B 1428 -2.63 15.23 51.39
N THR B 1429 -3.70 15.67 52.04
CA THR B 1429 -4.92 16.09 51.35
C THR B 1429 -5.38 17.43 51.89
N PHE B 1430 -5.68 18.36 50.98
CA PHE B 1430 -6.26 19.65 51.36
C PHE B 1430 -7.70 19.46 51.80
N GLU B 1431 -8.12 20.26 52.78
CA GLU B 1431 -9.52 20.22 53.20
C GLU B 1431 -10.45 20.66 52.07
N ASP B 1432 -10.08 21.74 51.38
CA ASP B 1432 -10.86 22.20 50.25
C ASP B 1432 -10.51 21.41 49.00
N ARG B 1433 -11.53 21.05 48.21
CA ARG B 1433 -11.34 20.21 47.03
C ARG B 1433 -10.61 18.93 47.42
N MET B 1434 -11.30 18.14 48.26
CA MET B 1434 -10.71 16.94 48.86
C MET B 1434 -9.96 16.10 47.84
N ASP B 1435 -10.34 16.16 46.56
CA ASP B 1435 -9.65 15.42 45.53
C ASP B 1435 -8.20 15.87 45.35
N LEU B 1436 -7.83 17.04 45.87
CA LEU B 1436 -6.50 17.61 45.65
C LEU B 1436 -5.48 16.90 46.55
N PHE B 1437 -5.03 15.74 46.07
CA PHE B 1437 -3.96 15.05 46.78
C PHE B 1437 -2.62 15.68 46.44
N SER B 1438 -1.68 15.62 47.38
CA SER B 1438 -0.33 16.10 47.13
C SER B 1438 0.65 15.25 47.91
N ALA B 1439 1.65 14.71 47.24
CA ALA B 1439 2.55 13.72 47.82
C ALA B 1439 4.00 14.14 47.64
N LEU B 1440 4.83 13.79 48.62
CA LEU B 1440 6.27 13.88 48.50
C LEU B 1440 6.85 12.47 48.51
N ILE B 1441 7.78 12.23 47.59
CA ILE B 1441 8.36 10.91 47.36
C ILE B 1441 9.87 11.04 47.49
N LYS B 1442 10.47 10.16 48.29
CA LYS B 1442 11.91 10.07 48.44
C LYS B 1442 12.46 9.01 47.50
N GLY B 1443 13.64 9.26 46.93
CA GLY B 1443 14.27 8.32 46.05
C GLY B 1443 14.80 7.11 46.80
N PRO B 1444 14.87 5.95 46.13
CA PRO B 1444 15.49 4.78 46.77
C PRO B 1444 16.99 4.94 46.93
N THR B 1445 17.65 3.92 47.47
CA THR B 1445 19.10 3.96 47.63
C THR B 1445 19.79 3.39 46.40
N ARG B 1446 21.01 3.85 46.16
CA ARG B 1446 21.85 3.36 45.07
C ARG B 1446 21.20 3.64 43.71
N THR B 1447 20.91 4.91 43.48
CA THR B 1447 20.28 5.34 42.24
C THR B 1447 20.52 6.84 42.08
N PRO B 1448 20.51 7.35 40.85
CA PRO B 1448 20.76 8.80 40.66
C PRO B 1448 19.78 9.66 41.41
N TYR B 1449 18.56 9.17 41.64
CA TYR B 1449 17.56 9.94 42.38
C TYR B 1449 17.63 9.68 43.88
N GLU B 1450 18.64 8.96 44.35
CA GLU B 1450 18.78 8.67 45.77
C GLU B 1450 18.77 9.96 46.57
N ASP B 1451 17.98 9.98 47.64
CA ASP B 1451 17.69 11.18 48.40
C ASP B 1451 17.00 12.24 47.55
N GLY B 1452 16.37 11.83 46.45
CA GLY B 1452 15.68 12.76 45.59
C GLY B 1452 14.24 12.97 46.06
N LEU B 1453 13.93 14.21 46.40
CA LEU B 1453 12.61 14.60 46.87
C LEU B 1453 11.80 15.11 45.69
N TYR B 1454 10.61 14.55 45.51
CA TYR B 1454 9.77 14.93 44.37
C TYR B 1454 8.34 15.12 44.81
N LEU B 1455 7.74 16.22 44.35
CA LEU B 1455 6.39 16.61 44.74
C LEU B 1455 5.44 16.34 43.58
N PHE B 1456 4.33 15.68 43.87
CA PHE B 1456 3.31 15.37 42.88
C PHE B 1456 1.96 15.88 43.35
N ASP B 1457 1.22 16.52 42.45
CA ASP B 1457 -0.15 16.93 42.71
C ASP B 1457 -1.10 16.07 41.90
N ILE B 1458 -2.11 15.52 42.57
CA ILE B 1458 -3.01 14.54 41.97
C ILE B 1458 -4.42 15.10 42.05
N GLN B 1459 -5.07 15.24 40.89
CA GLN B 1459 -6.47 15.57 40.78
C GLN B 1459 -7.23 14.26 40.58
N LEU B 1460 -8.08 13.91 41.53
CA LEU B 1460 -8.88 12.70 41.41
C LEU B 1460 -10.01 12.95 40.42
N PRO B 1461 -10.21 12.09 39.42
CA PRO B 1461 -11.23 12.38 38.41
C PRO B 1461 -12.64 12.29 38.96
N ASN B 1462 -13.57 12.90 38.22
CA ASN B 1462 -14.97 12.87 38.63
C ASN B 1462 -15.48 11.46 38.80
N ILE B 1463 -14.92 10.50 38.06
CA ILE B 1463 -15.46 9.14 38.02
C ILE B 1463 -14.44 8.18 38.63
N TYR B 1464 -13.68 8.65 39.60
CA TYR B 1464 -12.78 7.77 40.33
C TYR B 1464 -13.61 6.73 41.10
N PRO B 1465 -13.10 5.49 41.26
CA PRO B 1465 -11.85 4.89 40.78
C PRO B 1465 -12.00 4.21 39.41
N ALA B 1466 -13.01 4.60 38.64
CA ALA B 1466 -13.19 3.98 37.34
C ALA B 1466 -11.99 4.22 36.43
N VAL B 1467 -11.31 5.35 36.58
CA VAL B 1467 -10.21 5.72 35.70
C VAL B 1467 -9.03 6.16 36.55
N PRO B 1468 -7.81 6.09 36.01
CA PRO B 1468 -6.63 6.41 36.80
C PRO B 1468 -6.64 7.87 37.20
N PRO B 1469 -5.96 8.22 38.30
CA PRO B 1469 -5.93 9.62 38.74
C PRO B 1469 -5.17 10.50 37.75
N HIS B 1470 -5.48 11.79 37.81
CA HIS B 1470 -4.81 12.78 36.96
C HIS B 1470 -3.62 13.33 37.70
N PHE B 1471 -2.45 12.76 37.44
CA PHE B 1471 -1.22 13.16 38.10
C PHE B 1471 -0.61 14.38 37.43
N CYS B 1472 0.24 15.08 38.18
CA CYS B 1472 0.98 16.22 37.64
C CYS B 1472 2.22 16.42 38.49
N TYR B 1473 3.39 16.22 37.89
CA TYR B 1473 4.65 16.43 38.60
C TYR B 1473 5.03 17.91 38.53
N LEU B 1474 5.24 18.53 39.69
CA LEU B 1474 5.69 19.90 39.75
C LEU B 1474 7.08 20.00 39.15
N SER B 1475 7.19 20.61 37.98
CA SER B 1475 8.44 20.64 37.23
C SER B 1475 8.96 22.07 37.15
N GLN B 1476 10.24 22.21 37.50
CA GLN B 1476 10.86 23.53 37.58
C GLN B 1476 12.30 23.53 37.07
N CYS B 1477 12.86 22.38 36.71
CA CYS B 1477 14.25 22.30 36.31
C CYS B 1477 14.48 22.74 34.88
N SER B 1478 13.42 23.03 34.12
CA SER B 1478 13.58 23.34 32.71
C SER B 1478 14.31 22.19 32.02
N GLY B 1479 14.00 20.97 32.42
CA GLY B 1479 14.62 19.79 31.84
C GLY B 1479 13.78 18.57 32.15
N ARG B 1480 14.27 17.43 31.70
CA ARG B 1480 13.57 16.15 31.87
C ARG B 1480 14.39 15.29 32.82
N LEU B 1481 14.14 15.45 34.12
CA LEU B 1481 14.86 14.68 35.13
C LEU B 1481 14.58 13.20 35.00
N ASN B 1482 13.54 12.82 34.28
CA ASN B 1482 13.10 11.45 34.16
C ASN B 1482 12.40 11.31 32.81
N PRO B 1483 12.72 10.27 32.03
CA PRO B 1483 12.08 10.15 30.71
C PRO B 1483 10.57 10.26 30.72
N ASN B 1484 9.92 10.18 31.87
CA ASN B 1484 8.48 10.28 31.96
C ASN B 1484 8.02 11.57 32.64
N LEU B 1485 8.82 12.11 33.56
CA LEU B 1485 8.44 13.30 34.33
C LEU B 1485 8.73 14.51 33.45
N TYR B 1486 7.74 14.90 32.67
CA TYR B 1486 7.95 15.96 31.68
C TYR B 1486 7.93 17.33 32.34
N ASP B 1487 8.72 18.25 31.76
CA ASP B 1487 8.78 19.61 32.27
C ASP B 1487 7.40 20.27 32.27
N ASN B 1488 6.54 19.90 31.32
CA ASN B 1488 5.20 20.45 31.26
C ASN B 1488 4.36 20.05 32.47
N GLY B 1489 4.81 19.08 33.25
CA GLY B 1489 4.07 18.61 34.41
C GLY B 1489 3.40 17.27 34.24
N LYS B 1490 3.47 16.68 33.04
CA LYS B 1490 2.86 15.38 32.82
C LYS B 1490 3.71 14.28 33.45
N VAL B 1491 3.07 13.16 33.76
CA VAL B 1491 3.73 11.97 34.29
C VAL B 1491 3.28 10.79 33.43
N LYS B 1492 4.07 9.73 33.42
CA LYS B 1492 3.78 8.58 32.58
C LYS B 1492 4.16 7.29 33.28
N VAL B 1493 3.20 6.38 33.39
CA VAL B 1493 3.45 5.01 33.83
C VAL B 1493 2.22 4.20 33.48
N SER B 1494 2.39 2.88 33.38
CA SER B 1494 1.29 2.03 32.93
C SER B 1494 0.05 2.21 33.80
N LEU B 1495 0.24 2.22 35.12
CA LEU B 1495 -0.90 2.35 36.03
C LEU B 1495 -1.66 3.65 35.79
N LEU B 1496 -1.00 4.67 35.25
CA LEU B 1496 -1.66 5.93 34.97
C LEU B 1496 -2.31 5.98 33.60
N GLY B 1497 -2.25 4.89 32.84
CA GLY B 1497 -2.91 4.85 31.55
C GLY B 1497 -2.36 5.83 30.54
N THR B 1498 -1.06 6.07 30.54
CA THR B 1498 -0.45 6.99 29.59
C THR B 1498 0.99 6.59 29.30
N ARG B 1506 -2.27 -3.06 34.53
CA ARG B 1506 -2.98 -1.88 34.07
C ARG B 1506 -3.92 -1.35 35.15
N TRP B 1507 -4.65 -0.28 34.82
CA TRP B 1507 -5.55 0.34 35.77
C TRP B 1507 -6.80 -0.52 35.98
N THR B 1508 -7.39 -0.38 37.18
CA THR B 1508 -8.66 -1.02 37.49
C THR B 1508 -9.28 -0.29 38.67
N SER B 1509 -10.59 -0.49 38.85
CA SER B 1509 -11.27 0.12 39.98
C SER B 1509 -10.65 -0.30 41.30
N LYS B 1510 -10.01 -1.47 41.35
CA LYS B 1510 -9.28 -1.89 42.53
C LYS B 1510 -7.97 -1.14 42.70
N SER B 1511 -7.47 -0.50 41.65
CA SER B 1511 -6.24 0.27 41.76
C SER B 1511 -6.44 1.43 42.73
N SER B 1512 -5.38 1.73 43.48
CA SER B 1512 -5.43 2.76 44.52
C SER B 1512 -4.16 3.59 44.45
N LEU B 1513 -4.24 4.79 45.03
CA LEU B 1513 -3.06 5.65 45.10
C LEU B 1513 -1.87 4.89 45.66
N LEU B 1514 -2.12 3.90 46.52
CA LEU B 1514 -1.02 3.10 47.06
C LEU B 1514 -0.27 2.38 45.94
N GLN B 1515 -1.01 1.81 44.98
CA GLN B 1515 -0.36 1.15 43.85
C GLN B 1515 0.45 2.14 43.02
N VAL B 1516 -0.09 3.33 42.81
CA VAL B 1516 0.63 4.33 42.01
C VAL B 1516 1.91 4.74 42.72
N LEU B 1517 1.85 4.96 44.04
CA LEU B 1517 3.07 5.30 44.77
C LEU B 1517 4.07 4.17 44.75
N ILE B 1518 3.59 2.92 44.86
CA ILE B 1518 4.49 1.78 44.77
C ILE B 1518 5.20 1.79 43.42
N SER B 1519 4.45 2.04 42.35
CA SER B 1519 5.05 2.09 41.02
C SER B 1519 6.08 3.22 40.91
N ILE B 1520 5.74 4.40 41.42
CA ILE B 1520 6.66 5.54 41.35
C ILE B 1520 7.94 5.21 42.11
N GLN B 1521 7.81 4.45 43.21
CA GLN B 1521 8.99 3.99 43.94
C GLN B 1521 9.72 2.86 43.24
N GLY B 1522 9.06 2.15 42.32
CA GLY B 1522 9.67 1.00 41.69
C GLY B 1522 10.15 1.26 40.27
N LEU B 1523 9.44 2.11 39.53
CA LEU B 1523 9.74 2.35 38.13
C LEU B 1523 10.21 3.78 37.88
N ILE B 1524 9.42 4.78 38.30
CA ILE B 1524 9.75 6.16 37.99
C ILE B 1524 11.09 6.54 38.61
N LEU B 1525 11.33 6.15 39.86
CA LEU B 1525 12.62 6.32 40.51
C LEU B 1525 13.29 4.96 40.59
N VAL B 1526 14.11 4.65 39.58
CA VAL B 1526 14.73 3.33 39.45
C VAL B 1526 16.24 3.51 39.32
N ASN B 1527 16.95 2.39 39.40
CA ASN B 1527 18.41 2.44 39.38
C ASN B 1527 18.94 3.08 38.09
N GLU B 1528 18.34 2.74 36.95
CA GLU B 1528 18.78 3.24 35.65
C GLU B 1528 17.58 3.86 34.94
N PRO B 1529 17.26 5.12 35.23
CA PRO B 1529 16.04 5.73 34.66
C PRO B 1529 16.09 5.93 33.15
N TYR B 1530 17.18 5.60 32.48
CA TYR B 1530 17.21 5.70 31.02
C TYR B 1530 16.23 4.74 30.37
N TYR B 1531 15.84 3.71 31.11
CA TYR B 1531 15.06 2.62 30.55
C TYR B 1531 13.57 2.88 30.58
N ASN B 1532 13.17 4.15 30.68
CA ASN B 1532 11.78 4.49 30.91
C ASN B 1532 11.21 5.54 29.96
N GLU B 1533 11.62 5.57 28.69
CA GLU B 1533 10.94 6.39 27.70
C GLU B 1533 10.47 5.54 26.53
N ALA B 1534 9.14 5.42 26.41
CA ALA B 1534 8.54 4.80 25.24
C ALA B 1534 9.35 3.61 24.72
N GLY B 1535 9.72 2.69 25.61
CA GLY B 1535 10.49 1.53 25.22
C GLY B 1535 11.94 1.56 25.66
N PHE B 1536 12.84 1.17 24.75
CA PHE B 1536 14.24 0.85 25.07
C PHE B 1536 14.32 -0.44 25.86
N ASP B 1537 13.19 -1.09 26.08
CA ASP B 1537 13.19 -2.31 26.90
C ASP B 1537 14.04 -3.39 26.26
N SER B 1538 14.24 -3.34 24.94
CA SER B 1538 15.12 -4.31 24.29
C SER B 1538 16.57 -4.13 24.71
N ASP B 1539 16.96 -2.94 25.15
CA ASP B 1539 18.36 -2.61 25.31
C ASP B 1539 19.05 -3.41 26.41
N ARG B 1540 18.31 -4.10 27.28
CA ARG B 1540 18.94 -4.80 28.38
C ARG B 1540 20.06 -5.70 27.87
N GLY B 1541 21.28 -5.39 28.28
CA GLY B 1541 22.44 -6.13 27.82
C GLY B 1541 23.08 -5.59 26.55
N LEU B 1542 22.58 -4.49 26.01
CA LEU B 1542 23.15 -3.87 24.82
C LEU B 1542 24.18 -2.80 25.23
N GLN B 1543 25.31 -2.80 24.53
CA GLN B 1543 26.36 -1.84 24.85
C GLN B 1543 25.88 -0.42 24.63
N GLU B 1544 25.15 -0.17 23.54
CA GLU B 1544 24.54 1.14 23.35
C GLU B 1544 23.64 1.49 24.53
N GLY B 1545 22.87 0.51 25.01
CA GLY B 1545 22.06 0.74 26.18
C GLY B 1545 22.89 1.18 27.37
N TYR B 1546 23.99 0.48 27.63
CA TYR B 1546 24.84 0.83 28.76
C TYR B 1546 25.41 2.23 28.63
N GLU B 1547 25.92 2.57 27.45
CA GLU B 1547 26.52 3.89 27.27
C GLU B 1547 25.50 4.99 27.44
N ASN B 1548 24.36 4.89 26.74
CA ASN B 1548 23.36 5.93 26.84
C ASN B 1548 22.78 5.99 28.25
N SER B 1549 22.69 4.85 28.93
CA SER B 1549 22.20 4.85 30.31
C SER B 1549 23.17 5.55 31.23
N ARG B 1550 24.48 5.35 31.05
CA ARG B 1550 25.45 6.06 31.87
C ARG B 1550 25.34 7.56 31.65
N CYS B 1551 25.25 7.98 30.38
CA CYS B 1551 25.08 9.41 30.12
C CYS B 1551 23.79 9.92 30.75
N TYR B 1552 22.73 9.11 30.73
CA TYR B 1552 21.48 9.57 31.30
C TYR B 1552 21.57 9.64 32.81
N ASN B 1553 22.32 8.72 33.43
CA ASN B 1553 22.56 8.82 34.85
C ASN B 1553 23.22 10.15 35.17
N GLU B 1554 24.21 10.52 34.37
CA GLU B 1554 24.87 11.81 34.56
C GLU B 1554 23.87 12.97 34.42
N MET B 1555 23.08 12.95 33.35
CA MET B 1555 22.17 14.07 33.10
C MET B 1555 21.11 14.14 34.20
N ALA B 1556 20.62 12.99 34.66
CA ALA B 1556 19.65 12.96 35.74
C ALA B 1556 20.26 13.47 37.03
N LEU B 1557 21.52 13.16 37.31
CA LEU B 1557 22.16 13.74 38.48
C LEU B 1557 22.23 15.25 38.37
N ILE B 1558 22.61 15.77 37.20
CA ILE B 1558 22.65 17.22 37.03
C ILE B 1558 21.27 17.81 37.27
N ARG B 1559 20.24 17.21 36.70
CA ARG B 1559 18.91 17.80 36.77
C ARG B 1559 18.29 17.65 38.14
N VAL B 1560 18.61 16.58 38.88
CA VAL B 1560 18.10 16.45 40.24
C VAL B 1560 18.77 17.46 41.14
N VAL B 1561 20.07 17.69 40.97
CA VAL B 1561 20.72 18.75 41.73
C VAL B 1561 20.09 20.08 41.40
N GLN B 1562 19.77 20.32 40.12
CA GLN B 1562 19.12 21.57 39.74
C GLN B 1562 17.75 21.69 40.42
N SER B 1563 16.98 20.61 40.43
CA SER B 1563 15.66 20.63 41.04
C SER B 1563 15.75 20.94 42.52
N MET B 1564 16.69 20.29 43.21
CA MET B 1564 16.87 20.55 44.64
C MET B 1564 17.29 21.99 44.87
N THR B 1565 18.17 22.51 44.01
CA THR B 1565 18.58 23.90 44.13
C THR B 1565 17.37 24.83 44.05
N GLN B 1566 16.52 24.63 43.04
CA GLN B 1566 15.35 25.51 42.91
C GLN B 1566 14.44 25.36 44.12
N LEU B 1567 14.19 24.12 44.54
CA LEU B 1567 13.24 23.88 45.62
C LEU B 1567 13.70 24.58 46.90
N VAL B 1568 14.98 24.46 47.22
CA VAL B 1568 15.51 25.18 48.38
C VAL B 1568 15.38 26.68 48.17
N ARG B 1569 15.72 27.17 46.97
CA ARG B 1569 15.72 28.60 46.74
C ARG B 1569 14.31 29.19 46.74
N ARG B 1570 13.39 28.54 46.03
CA ARG B 1570 12.01 29.01 45.92
C ARG B 1570 11.06 27.84 46.12
N PRO B 1571 10.92 27.37 47.36
CA PRO B 1571 10.01 26.26 47.63
C PRO B 1571 8.56 26.70 47.48
N PRO B 1572 7.62 25.74 47.37
CA PRO B 1572 6.21 26.12 47.28
C PRO B 1572 5.64 26.61 48.60
N GLU B 1573 4.33 26.87 48.64
CA GLU B 1573 3.63 27.25 49.84
C GLU B 1573 3.11 26.05 50.61
N VAL B 1574 3.50 24.84 50.22
CA VAL B 1574 3.02 23.62 50.83
C VAL B 1574 4.19 22.65 50.98
N PHE B 1575 4.13 21.82 52.01
CA PHE B 1575 5.13 20.77 52.25
C PHE B 1575 6.48 21.35 52.66
N GLU B 1576 6.51 22.54 53.26
CA GLU B 1576 7.77 23.24 53.42
C GLU B 1576 8.60 22.71 54.59
N GLN B 1577 7.97 22.52 55.75
CA GLN B 1577 8.73 22.13 56.94
C GLN B 1577 9.42 20.78 56.72
N GLU B 1578 8.72 19.82 56.13
CA GLU B 1578 9.33 18.55 55.83
C GLU B 1578 10.41 18.67 54.76
N ILE B 1579 10.30 19.64 53.86
CA ILE B 1579 11.38 19.85 52.89
C ILE B 1579 12.63 20.34 53.60
N ARG B 1580 12.45 21.31 54.53
CA ARG B 1580 13.55 21.70 55.40
C ARG B 1580 14.17 20.49 56.07
N GLN B 1581 13.34 19.65 56.70
CA GLN B 1581 13.89 18.56 57.51
C GLN B 1581 14.63 17.56 56.63
N HIS B 1582 14.08 17.26 55.46
CA HIS B 1582 14.75 16.33 54.55
C HIS B 1582 16.09 16.90 54.09
N PHE B 1583 16.11 18.18 53.70
CA PHE B 1583 17.36 18.77 53.25
C PHE B 1583 18.39 18.83 54.37
N SER B 1584 17.96 18.96 55.62
CA SER B 1584 18.91 18.93 56.73
C SER B 1584 19.49 17.53 56.92
N THR B 1585 18.67 16.49 56.76
CA THR B 1585 19.10 15.11 56.90
C THR B 1585 19.26 14.50 55.52
N GLY B 1586 20.50 14.42 55.05
CA GLY B 1586 20.80 13.85 53.77
C GLY B 1586 20.87 14.85 52.61
N GLY B 1587 20.32 16.05 52.78
CA GLY B 1587 20.41 17.03 51.72
C GLY B 1587 21.84 17.45 51.45
N TRP B 1588 22.59 17.74 52.51
CA TRP B 1588 24.03 17.98 52.38
C TRP B 1588 24.78 16.69 52.05
N ARG B 1589 24.16 15.53 52.26
CA ARG B 1589 24.80 14.28 51.90
C ARG B 1589 24.87 14.10 50.39
N LEU B 1590 23.92 14.68 49.64
CA LEU B 1590 24.00 14.64 48.19
C LEU B 1590 25.28 15.29 47.69
N VAL B 1591 25.57 16.50 48.18
CA VAL B 1591 26.74 17.22 47.69
C VAL B 1591 28.01 16.50 48.09
N ASN B 1592 28.06 15.99 49.33
CA ASN B 1592 29.23 15.26 49.78
C ASN B 1592 29.45 14.01 48.93
N ARG B 1593 28.37 13.28 48.63
CA ARG B 1593 28.49 12.09 47.80
C ARG B 1593 29.00 12.45 46.40
N ILE B 1594 28.45 13.51 45.80
CA ILE B 1594 28.87 13.90 44.47
C ILE B 1594 30.34 14.30 44.47
N GLU B 1595 30.76 15.08 45.47
CA GLU B 1595 32.16 15.49 45.54
C GLU B 1595 33.07 14.29 45.76
N SER B 1596 32.61 13.30 46.53
CA SER B 1596 33.39 12.08 46.71
C SER B 1596 33.53 11.33 45.39
N TRP B 1597 32.44 11.26 44.61
CA TRP B 1597 32.53 10.66 43.28
C TRP B 1597 33.58 11.37 42.45
N LEU B 1598 33.54 12.70 42.44
CA LEU B 1598 34.50 13.47 41.65
C LEU B 1598 35.93 13.21 42.11
N GLU B 1599 36.15 13.21 43.42
CA GLU B 1599 37.50 13.00 43.94
C GLU B 1599 38.00 11.61 43.61
N THR B 1600 37.15 10.59 43.75
CA THR B 1600 37.56 9.23 43.42
C THR B 1600 37.90 9.11 41.94
N HIS B 1601 37.09 9.73 41.07
CA HIS B 1601 37.41 9.71 39.65
C HIS B 1601 38.74 10.39 39.39
N ALA B 1602 38.99 11.54 40.03
CA ALA B 1602 40.24 12.25 39.81
C ALA B 1602 41.43 11.40 40.25
N LEU B 1603 41.31 10.74 41.40
CA LEU B 1603 42.42 9.92 41.89
C LEU B 1603 42.70 8.76 40.94
N LEU B 1604 41.67 8.10 40.46
CA LEU B 1604 41.83 6.96 39.57
C LEU B 1604 42.22 7.41 38.16
N PRO B 1704 36.25 3.73 42.88
CA PRO B 1704 35.22 4.36 42.07
C PRO B 1704 33.80 4.14 42.62
N ASP B 1705 33.71 3.73 43.88
CA ASP B 1705 32.42 3.56 44.56
C ASP B 1705 31.47 2.70 43.74
N ILE B 1706 30.17 2.76 44.05
CA ILE B 1706 29.18 1.89 43.43
C ILE B 1706 27.80 2.48 43.69
N GLY B 1707 26.82 2.03 42.91
CA GLY B 1707 25.43 2.41 43.15
C GLY B 1707 24.61 2.60 41.90
N PHE B 1708 25.24 3.03 40.81
CA PHE B 1708 24.58 3.14 39.52
C PHE B 1708 25.63 3.54 38.48
N PRO B 1709 25.41 3.28 37.20
CA PRO B 1709 26.50 3.47 36.24
C PRO B 1709 26.90 4.93 36.09
N LEU B 1710 28.08 5.25 36.62
CA LEU B 1710 28.67 6.57 36.46
C LEU B 1710 30.19 6.50 36.31
N PHE B 1711 30.78 5.30 36.38
CA PHE B 1711 32.22 5.19 36.58
C PHE B 1711 33.03 5.95 35.55
N PRO B 1712 32.77 5.84 34.25
CA PRO B 1712 33.59 6.63 33.31
C PRO B 1712 33.18 8.09 33.32
N LEU B 1713 33.36 8.74 34.47
CA LEU B 1713 33.04 10.16 34.57
C LEU B 1713 33.80 10.93 33.51
N SER B 1714 33.10 11.84 32.83
CA SER B 1714 33.62 12.51 31.66
C SER B 1714 33.83 13.99 31.94
N LYS B 1715 34.85 14.54 31.29
CA LYS B 1715 35.18 15.96 31.43
C LYS B 1715 33.93 16.83 31.46
N GLY B 1716 33.02 16.60 30.51
CA GLY B 1716 31.80 17.38 30.47
C GLY B 1716 30.97 17.20 31.74
N PHE B 1717 30.84 15.95 32.21
CA PHE B 1717 30.08 15.72 33.43
C PHE B 1717 30.74 16.39 34.61
N ILE B 1718 32.07 16.30 34.71
CA ILE B 1718 32.77 16.93 35.82
C ILE B 1718 32.52 18.43 35.82
N LYS B 1719 32.66 19.06 34.65
CA LYS B 1719 32.45 20.50 34.57
C LYS B 1719 31.03 20.87 34.97
N SER B 1720 30.03 20.19 34.39
CA SER B 1720 28.65 20.54 34.66
C SER B 1720 28.29 20.30 36.12
N ILE B 1721 28.73 19.16 36.67
CA ILE B 1721 28.37 18.84 38.05
C ILE B 1721 29.02 19.81 39.02
N ARG B 1722 30.28 20.19 38.78
CA ARG B 1722 30.89 21.20 39.62
C ARG B 1722 30.14 22.52 39.53
N GLY B 1723 29.81 22.95 38.30
CA GLY B 1723 29.15 24.23 38.13
C GLY B 1723 27.80 24.27 38.80
N VAL B 1724 27.08 23.15 38.82
CA VAL B 1724 25.76 23.14 39.44
C VAL B 1724 25.87 22.87 40.94
N LEU B 1725 26.93 22.19 41.37
CA LEU B 1725 27.09 21.84 42.78
C LEU B 1725 27.53 23.05 43.59
N THR B 1726 28.38 23.91 43.03
CA THR B 1726 28.67 25.17 43.69
C THR B 1726 27.41 26.00 43.86
N GLN B 1727 26.54 25.99 42.85
CA GLN B 1727 25.27 26.69 42.95
C GLN B 1727 24.40 26.09 44.03
N PHE B 1728 24.38 24.75 44.13
CA PHE B 1728 23.57 24.10 45.15
C PHE B 1728 24.08 24.44 46.55
N ARG B 1729 25.40 24.45 46.73
CA ARG B 1729 25.96 24.88 48.00
C ARG B 1729 25.57 26.32 48.31
N ALA B 1730 25.64 27.20 47.31
CA ALA B 1730 25.25 28.59 47.53
C ALA B 1730 23.79 28.69 47.95
N ALA B 1731 22.92 27.93 47.29
CA ALA B 1731 21.50 27.96 47.63
C ALA B 1731 21.27 27.45 49.05
N LEU B 1732 21.96 26.37 49.43
CA LEU B 1732 21.79 25.84 50.79
C LEU B 1732 22.29 26.85 51.82
N LEU B 1733 23.41 27.51 51.54
CA LEU B 1733 23.92 28.50 52.48
C LEU B 1733 22.96 29.67 52.62
N GLU B 1734 22.54 30.27 51.50
CA GLU B 1734 21.63 31.40 51.58
C GLU B 1734 20.28 30.97 52.14
N ALA B 1735 19.94 29.69 52.00
CA ALA B 1735 18.71 29.16 52.58
C ALA B 1735 18.81 28.95 54.08
N GLY B 1736 20.00 29.06 54.66
CA GLY B 1736 20.17 28.83 56.08
C GLY B 1736 20.30 27.38 56.48
N MET B 1737 20.73 26.51 55.56
CA MET B 1737 20.95 25.10 55.85
C MET B 1737 22.44 24.87 56.07
N PRO B 1738 22.94 25.03 57.30
CA PRO B 1738 24.37 24.79 57.55
C PRO B 1738 24.73 23.33 57.40
N GLU B 1739 25.98 23.09 57.00
CA GLU B 1739 26.48 21.73 56.87
C GLU B 1739 26.45 21.04 58.23
N CYS B 1740 26.04 19.77 58.22
CA CYS B 1740 26.01 18.97 59.43
C CYS B 1740 27.36 18.99 60.13
N VAL C 98 -26.26 -50.33 -2.99
CA VAL C 98 -27.56 -49.67 -3.00
C VAL C 98 -27.44 -48.37 -3.79
N VAL C 99 -26.78 -47.37 -3.19
CA VAL C 99 -26.62 -46.08 -3.85
C VAL C 99 -25.89 -46.26 -5.18
N LYS C 100 -24.98 -47.22 -5.25
CA LYS C 100 -24.27 -47.47 -6.49
C LYS C 100 -25.23 -47.78 -7.63
N ARG C 101 -26.28 -48.54 -7.36
CA ARG C 101 -27.25 -48.85 -8.40
C ARG C 101 -27.95 -47.58 -8.88
N ARG C 102 -28.32 -46.69 -7.95
CA ARG C 102 -29.00 -45.46 -8.34
C ARG C 102 -28.09 -44.55 -9.16
N VAL C 103 -26.82 -44.43 -8.76
CA VAL C 103 -25.91 -43.59 -9.54
C VAL C 103 -25.65 -44.21 -10.90
N ASN C 104 -25.61 -45.54 -10.98
CA ASN C 104 -25.48 -46.21 -12.27
C ASN C 104 -26.68 -45.89 -13.16
N ALA C 105 -27.88 -45.91 -12.58
CA ALA C 105 -29.06 -45.53 -13.34
C ALA C 105 -28.95 -44.09 -13.82
N LEU C 106 -28.45 -43.20 -12.95
CA LEU C 106 -28.26 -41.81 -13.36
C LEU C 106 -27.29 -41.72 -14.53
N LYS C 107 -26.19 -42.48 -14.48
CA LYS C 107 -25.21 -42.46 -15.56
C LYS C 107 -25.82 -42.98 -16.86
N ASN C 108 -26.65 -44.02 -16.78
CA ASN C 108 -27.23 -44.59 -17.99
C ASN C 108 -28.26 -43.61 -18.59
N LEU C 109 -29.01 -42.93 -17.72
CA LEU C 109 -29.85 -41.83 -18.18
C LEU C 109 -29.01 -40.75 -18.85
N GLN C 110 -27.86 -40.44 -18.26
CA GLN C 110 -26.95 -39.48 -18.89
C GLN C 110 -26.46 -39.98 -20.23
N VAL C 111 -26.38 -41.30 -20.40
CA VAL C 111 -26.00 -41.86 -21.70
C VAL C 111 -27.08 -41.56 -22.74
N LYS C 112 -28.34 -41.82 -22.39
CA LYS C 112 -29.41 -41.38 -23.31
C LYS C 112 -29.35 -39.86 -23.50
N CYS C 113 -28.98 -39.13 -22.45
CA CYS C 113 -28.86 -37.68 -22.55
C CYS C 113 -27.85 -37.29 -23.61
N ALA C 114 -26.69 -37.95 -23.61
CA ALA C 114 -25.66 -37.66 -24.59
C ALA C 114 -26.12 -38.08 -25.98
N GLN C 115 -26.89 -39.16 -26.08
CA GLN C 115 -27.42 -39.54 -27.39
C GLN C 115 -28.35 -38.46 -27.95
N ILE C 116 -29.26 -37.97 -27.11
CA ILE C 116 -30.17 -36.92 -27.56
C ILE C 116 -29.40 -35.64 -27.86
N GLU C 117 -28.34 -35.38 -27.11
CA GLU C 117 -27.52 -34.20 -27.38
C GLU C 117 -26.78 -34.34 -28.71
N ALA C 118 -26.34 -35.56 -29.04
CA ALA C 118 -25.75 -35.80 -30.35
C ALA C 118 -26.77 -35.54 -31.45
N LYS C 119 -28.00 -35.99 -31.25
CA LYS C 119 -29.06 -35.64 -32.20
C LYS C 119 -29.24 -34.14 -32.30
N PHE C 120 -29.18 -33.45 -31.16
CA PHE C 120 -29.29 -31.99 -31.14
C PHE C 120 -28.20 -31.35 -31.98
N TYR C 121 -26.96 -31.81 -31.81
CA TYR C 121 -25.86 -31.19 -32.54
C TYR C 121 -25.91 -31.54 -34.02
N GLU C 122 -26.36 -32.73 -34.36
CA GLU C 122 -26.58 -33.06 -35.77
C GLU C 122 -27.63 -32.13 -36.38
N GLU C 123 -28.70 -31.88 -35.63
CA GLU C 123 -29.71 -30.94 -36.11
C GLU C 123 -29.14 -29.54 -36.21
N VAL C 124 -28.24 -29.17 -35.30
CA VAL C 124 -27.60 -27.86 -35.37
C VAL C 124 -26.79 -27.74 -36.65
N HIS C 125 -26.04 -28.79 -36.99
CA HIS C 125 -25.30 -28.80 -38.24
C HIS C 125 -26.24 -28.70 -39.43
N ASP C 126 -27.39 -29.39 -39.35
CA ASP C 126 -28.36 -29.32 -40.44
C ASP C 126 -28.91 -27.90 -40.60
N LEU C 127 -29.20 -27.23 -39.48
CA LEU C 127 -29.68 -25.86 -39.55
C LEU C 127 -28.58 -24.92 -40.07
N GLU C 128 -27.33 -25.20 -39.74
CA GLU C 128 -26.25 -24.42 -40.33
C GLU C 128 -26.19 -24.62 -41.84
N ARG C 129 -26.36 -25.86 -42.30
CA ARG C 129 -26.46 -26.12 -43.73
C ARG C 129 -27.60 -25.32 -44.34
N LYS C 130 -28.76 -25.32 -43.69
CA LYS C 130 -29.91 -24.59 -44.20
C LYS C 130 -29.62 -23.10 -44.27
N TYR C 131 -29.09 -22.52 -43.19
CA TYR C 131 -28.76 -21.12 -43.17
C TYR C 131 -27.64 -20.78 -44.14
N ALA C 132 -26.92 -21.78 -44.65
CA ALA C 132 -26.01 -21.51 -45.75
C ALA C 132 -26.74 -20.84 -46.91
N VAL C 133 -27.93 -21.34 -47.25
CA VAL C 133 -28.68 -20.76 -48.36
C VAL C 133 -28.89 -19.27 -48.13
N LEU C 134 -28.90 -18.82 -46.87
CA LEU C 134 -29.04 -17.41 -46.54
C LEU C 134 -27.69 -16.71 -46.46
N TYR C 135 -26.65 -17.44 -46.08
CA TYR C 135 -25.33 -16.85 -45.91
C TYR C 135 -24.68 -16.55 -47.25
N GLN C 136 -24.62 -17.55 -48.13
CA GLN C 136 -23.84 -17.40 -49.35
C GLN C 136 -24.24 -16.22 -50.24
N PRO C 137 -25.46 -15.68 -50.21
CA PRO C 137 -25.64 -14.40 -50.93
C PRO C 137 -24.71 -13.31 -50.41
N LEU C 138 -24.56 -13.22 -49.09
CA LEU C 138 -23.69 -12.19 -48.52
C LEU C 138 -22.23 -12.48 -48.82
N PHE C 139 -21.80 -13.72 -48.62
CA PHE C 139 -20.41 -14.06 -48.92
C PHE C 139 -20.15 -13.97 -50.42
N ASP C 140 -21.18 -14.11 -51.26
CA ASP C 140 -20.99 -13.97 -52.70
C ASP C 140 -20.82 -12.51 -53.08
N LYS C 141 -21.60 -11.62 -52.45
CA LYS C 141 -21.33 -10.20 -52.63
C LYS C 141 -19.91 -9.86 -52.16
N ARG C 142 -19.47 -10.47 -51.06
CA ARG C 142 -18.10 -10.27 -50.60
C ARG C 142 -17.10 -10.76 -51.65
N PHE C 143 -17.34 -11.95 -52.20
CA PHE C 143 -16.48 -12.49 -53.25
C PHE C 143 -16.38 -11.52 -54.41
N GLU C 144 -17.51 -11.04 -54.92
CA GLU C 144 -17.50 -10.17 -56.08
C GLU C 144 -16.77 -8.87 -55.76
N ILE C 145 -17.06 -8.27 -54.60
CA ILE C 145 -16.38 -7.03 -54.26
C ILE C 145 -14.90 -7.27 -53.97
N ILE C 146 -14.56 -8.43 -53.41
CA ILE C 146 -13.15 -8.78 -53.24
C ILE C 146 -12.59 -9.22 -54.58
N PRO C 189 -6.32 -0.09 -58.75
CA PRO C 189 -6.61 -1.22 -57.85
C PRO C 189 -8.04 -1.72 -57.99
N LYS C 190 -8.20 -3.02 -58.16
CA LYS C 190 -9.50 -3.66 -58.32
C LYS C 190 -9.75 -4.59 -57.15
N GLY C 191 -10.99 -4.59 -56.65
CA GLY C 191 -11.29 -5.39 -55.48
C GLY C 191 -10.39 -5.00 -54.33
N ILE C 192 -10.28 -5.89 -53.35
CA ILE C 192 -9.42 -5.71 -52.20
C ILE C 192 -8.18 -6.57 -52.38
N PRO C 193 -7.04 -5.98 -52.73
CA PRO C 193 -5.83 -6.79 -52.95
C PRO C 193 -5.45 -7.59 -51.71
N GLU C 194 -4.97 -8.81 -51.95
CA GLU C 194 -4.47 -9.69 -50.89
C GLU C 194 -5.37 -9.65 -49.66
N PHE C 195 -6.69 -9.67 -49.87
CA PHE C 195 -7.62 -9.60 -48.76
C PHE C 195 -7.36 -10.71 -47.75
N TRP C 196 -7.31 -11.95 -48.23
CA TRP C 196 -7.18 -13.07 -47.30
C TRP C 196 -5.75 -13.22 -46.80
N LEU C 197 -4.75 -12.81 -47.58
CA LEU C 197 -3.39 -12.76 -47.05
C LEU C 197 -3.30 -11.72 -45.92
N THR C 198 -3.91 -10.56 -46.11
CA THR C 198 -3.95 -9.56 -45.05
C THR C 198 -4.67 -10.10 -43.82
N VAL C 199 -5.76 -10.84 -44.04
CA VAL C 199 -6.47 -11.45 -42.92
C VAL C 199 -5.55 -12.43 -42.19
N PHE C 200 -4.80 -13.23 -42.94
CA PHE C 200 -3.82 -14.14 -42.34
C PHE C 200 -2.84 -13.36 -41.47
N LYS C 201 -2.31 -12.26 -41.99
CA LYS C 201 -1.31 -11.51 -41.25
C LYS C 201 -1.87 -10.95 -39.96
N ASN C 202 -3.11 -10.47 -39.99
CA ASN C 202 -3.73 -9.86 -38.82
C ASN C 202 -4.28 -10.88 -37.83
N VAL C 203 -4.06 -12.16 -38.06
CA VAL C 203 -4.44 -13.22 -37.14
C VAL C 203 -3.16 -13.93 -36.71
N ASP C 204 -2.98 -14.06 -35.40
CA ASP C 204 -1.77 -14.71 -34.89
C ASP C 204 -1.70 -16.16 -35.36
N LEU C 205 -2.82 -16.88 -35.28
CA LEU C 205 -2.83 -18.28 -35.69
C LEU C 205 -2.48 -18.43 -37.17
N LEU C 206 -2.62 -17.36 -37.95
CA LEU C 206 -2.36 -17.40 -39.37
C LEU C 206 -1.12 -16.62 -39.78
N SER C 207 -0.77 -15.56 -39.04
CA SER C 207 0.45 -14.83 -39.34
C SER C 207 1.68 -15.70 -39.16
N ASP C 208 1.71 -16.49 -38.08
CA ASP C 208 2.82 -17.41 -37.86
C ASP C 208 2.94 -18.43 -38.98
N MET C 209 1.87 -18.67 -39.72
CA MET C 209 1.87 -19.66 -40.79
C MET C 209 2.19 -19.04 -42.15
N VAL C 210 2.37 -17.73 -42.24
CA VAL C 210 2.68 -17.05 -43.48
C VAL C 210 4.16 -16.70 -43.48
N GLN C 211 4.87 -17.12 -44.53
CA GLN C 211 6.29 -16.89 -44.68
C GLN C 211 6.54 -15.86 -45.77
N GLU C 212 7.67 -15.17 -45.66
CA GLU C 212 7.99 -14.10 -46.61
C GLU C 212 7.92 -14.60 -48.04
N HIS C 213 8.46 -15.79 -48.29
CA HIS C 213 8.35 -16.38 -49.63
C HIS C 213 6.91 -16.71 -49.98
N ASP C 214 6.12 -17.16 -48.99
CA ASP C 214 4.74 -17.53 -49.27
C ASP C 214 3.91 -16.34 -49.70
N GLU C 215 4.17 -15.17 -49.11
CA GLU C 215 3.28 -14.02 -49.29
C GLU C 215 3.01 -13.71 -50.76
N PRO C 216 4.01 -13.61 -51.64
CA PRO C 216 3.69 -13.39 -53.06
C PRO C 216 2.81 -14.47 -53.66
N ILE C 217 2.97 -15.72 -53.24
CA ILE C 217 2.19 -16.82 -53.79
C ILE C 217 0.76 -16.79 -53.27
N LEU C 218 0.60 -16.71 -51.95
CA LEU C 218 -0.72 -16.64 -51.35
C LEU C 218 -1.45 -15.35 -51.67
N LYS C 219 -0.74 -14.35 -52.23
CA LYS C 219 -1.39 -13.11 -52.60
C LYS C 219 -2.51 -13.34 -53.60
N HIS C 220 -2.38 -14.37 -54.44
CA HIS C 220 -3.38 -14.69 -55.44
C HIS C 220 -4.51 -15.56 -54.89
N LEU C 221 -4.69 -15.62 -53.57
CA LEU C 221 -5.80 -16.36 -52.96
C LEU C 221 -7.07 -15.57 -53.14
N LYS C 222 -7.94 -16.04 -54.03
CA LYS C 222 -9.14 -15.27 -54.37
C LYS C 222 -10.16 -15.28 -53.24
N ASP C 223 -10.42 -16.45 -52.65
CA ASP C 223 -11.42 -16.53 -51.59
C ASP C 223 -11.18 -17.76 -50.73
N ILE C 224 -11.74 -17.71 -49.52
CA ILE C 224 -11.91 -18.88 -48.67
C ILE C 224 -13.37 -18.93 -48.27
N LYS C 225 -13.99 -20.09 -48.46
CA LYS C 225 -15.40 -20.20 -48.12
C LYS C 225 -15.69 -21.62 -47.64
N VAL C 226 -16.69 -21.74 -46.79
CA VAL C 226 -17.01 -23.00 -46.12
C VAL C 226 -18.22 -23.62 -46.76
N LYS C 227 -18.11 -24.92 -47.08
CA LYS C 227 -19.23 -25.74 -47.48
C LYS C 227 -19.42 -26.83 -46.44
N PHE C 228 -20.60 -27.45 -46.45
CA PHE C 228 -20.95 -28.43 -45.43
C PHE C 228 -21.46 -29.70 -46.09
N SER C 229 -21.49 -30.77 -45.29
CA SER C 229 -21.88 -32.08 -45.79
C SER C 229 -23.38 -32.12 -46.05
N ASP C 230 -23.78 -33.07 -46.90
CA ASP C 230 -25.18 -33.26 -47.24
C ASP C 230 -25.89 -34.02 -46.12
N ALA C 231 -27.22 -34.02 -46.19
CA ALA C 231 -28.02 -34.68 -45.17
C ALA C 231 -27.70 -36.18 -45.14
N GLY C 232 -27.64 -36.73 -43.92
CA GLY C 232 -27.40 -38.14 -43.73
C GLY C 232 -25.95 -38.54 -43.63
N GLN C 233 -25.03 -37.68 -44.05
CA GLN C 233 -23.60 -37.97 -43.97
C GLN C 233 -23.06 -37.59 -42.61
N PRO C 234 -21.94 -38.19 -42.19
CA PRO C 234 -21.30 -37.74 -40.96
C PRO C 234 -20.89 -36.28 -41.07
N MET C 235 -21.02 -35.55 -39.95
CA MET C 235 -20.75 -34.12 -39.95
C MET C 235 -19.36 -33.85 -40.50
N SER C 236 -19.30 -33.17 -41.64
CA SER C 236 -18.03 -32.83 -42.27
C SER C 236 -18.21 -31.56 -43.10
N PHE C 237 -17.20 -30.70 -43.07
CA PHE C 237 -17.24 -29.44 -43.80
C PHE C 237 -15.90 -29.22 -44.50
N VAL C 238 -15.95 -28.36 -45.51
CA VAL C 238 -14.82 -28.13 -46.41
C VAL C 238 -14.50 -26.66 -46.41
N LEU C 239 -13.20 -26.35 -46.36
CA LEU C 239 -12.69 -24.98 -46.38
C LEU C 239 -12.07 -24.75 -47.76
N GLU C 240 -12.91 -24.40 -48.72
CA GLU C 240 -12.45 -24.21 -50.08
C GLU C 240 -11.64 -22.94 -50.19
N PHE C 241 -10.35 -23.09 -50.51
CA PHE C 241 -9.48 -21.99 -50.90
C PHE C 241 -9.55 -21.90 -52.42
N HIS C 242 -10.33 -20.94 -52.92
CA HIS C 242 -10.41 -20.68 -54.35
C HIS C 242 -9.31 -19.71 -54.73
N PHE C 243 -8.50 -20.11 -55.71
CA PHE C 243 -7.24 -19.45 -56.02
C PHE C 243 -7.21 -19.10 -57.49
N GLU C 244 -6.90 -17.84 -57.80
CA GLU C 244 -6.90 -17.37 -59.18
C GLU C 244 -5.65 -17.85 -59.91
N PRO C 245 -5.67 -17.85 -61.25
CA PRO C 245 -4.50 -18.34 -61.99
C PRO C 245 -3.24 -17.56 -61.63
N ASN C 246 -2.12 -18.26 -61.62
CA ASN C 246 -0.85 -17.67 -61.20
C ASN C 246 0.28 -18.34 -61.99
N GLU C 247 1.50 -18.17 -61.50
CA GLU C 247 2.69 -18.78 -62.09
C GLU C 247 3.30 -19.86 -61.23
N TYR C 248 2.64 -20.27 -60.14
CA TYR C 248 3.18 -21.23 -59.20
C TYR C 248 2.50 -22.60 -59.26
N PHE C 249 1.17 -22.63 -59.19
CA PHE C 249 0.45 -23.90 -59.24
C PHE C 249 -0.88 -23.69 -59.95
N THR C 250 -1.46 -24.81 -60.42
CA THR C 250 -2.50 -24.78 -61.43
C THR C 250 -3.91 -24.97 -60.87
N ASN C 251 -4.13 -25.99 -60.04
CA ASN C 251 -5.50 -26.34 -59.67
C ASN C 251 -6.23 -25.15 -59.08
N GLU C 252 -7.48 -24.96 -59.51
CA GLU C 252 -8.22 -23.75 -59.17
C GLU C 252 -8.47 -23.66 -57.67
N VAL C 253 -8.84 -24.77 -57.04
CA VAL C 253 -9.28 -24.76 -55.65
C VAL C 253 -8.50 -25.80 -54.85
N LEU C 254 -8.35 -25.52 -53.56
CA LEU C 254 -7.85 -26.50 -52.60
C LEU C 254 -8.93 -26.74 -51.56
N THR C 255 -9.37 -27.98 -51.42
CA THR C 255 -10.51 -28.33 -50.59
C THR C 255 -10.02 -29.24 -49.46
N LYS C 256 -9.70 -28.62 -48.32
CA LYS C 256 -9.26 -29.37 -47.15
C LYS C 256 -10.45 -29.70 -46.26
N THR C 257 -11.13 -30.76 -46.64
CA THR C 257 -12.29 -31.22 -45.87
C THR C 257 -11.90 -31.46 -44.42
N TYR C 258 -12.92 -31.49 -43.55
CA TYR C 258 -12.77 -31.80 -42.13
C TYR C 258 -13.83 -32.80 -41.72
N ARG C 259 -13.82 -33.18 -40.45
CA ARG C 259 -14.92 -33.96 -39.92
C ARG C 259 -14.98 -33.80 -38.41
N MET C 260 -16.13 -34.15 -37.84
CA MET C 260 -16.38 -34.02 -36.41
C MET C 260 -17.02 -35.29 -35.88
N ARG C 261 -16.85 -35.52 -34.58
CA ARG C 261 -17.45 -36.69 -33.94
C ARG C 261 -18.97 -36.58 -33.98
N SER C 262 -19.62 -37.73 -34.12
CA SER C 262 -21.08 -37.81 -34.24
C SER C 262 -21.61 -38.97 -33.43
N GLU C 263 -20.97 -39.28 -32.30
CA GLU C 263 -21.34 -40.43 -31.49
C GLU C 263 -21.56 -40.01 -30.04
N PRO C 264 -22.43 -40.73 -29.32
CA PRO C 264 -22.67 -40.36 -27.91
C PRO C 264 -21.42 -40.42 -27.05
N ASP C 265 -20.55 -41.40 -27.28
CA ASP C 265 -19.31 -41.56 -26.54
C ASP C 265 -18.57 -42.75 -27.11
N ASP C 266 -17.26 -42.79 -26.86
CA ASP C 266 -16.47 -43.95 -27.29
C ASP C 266 -16.89 -45.20 -26.54
N SER C 267 -17.15 -45.09 -25.24
CA SER C 267 -17.53 -46.22 -24.40
C SER C 267 -18.96 -46.01 -23.91
N ASP C 268 -19.78 -47.05 -24.04
CA ASP C 268 -21.19 -46.93 -23.62
C ASP C 268 -21.32 -46.60 -22.14
N PRO C 269 -20.62 -47.27 -21.22
CA PRO C 269 -20.76 -46.89 -19.80
C PRO C 269 -20.45 -45.43 -19.54
N PHE C 270 -19.43 -44.88 -20.21
CA PHE C 270 -19.08 -43.48 -20.06
C PHE C 270 -19.89 -42.63 -21.03
N SER C 271 -19.82 -41.32 -20.84
CA SER C 271 -20.60 -40.38 -21.64
C SER C 271 -19.80 -39.10 -21.83
N PHE C 272 -19.75 -38.62 -23.08
CA PHE C 272 -19.06 -37.39 -23.42
C PHE C 272 -19.38 -37.01 -24.86
N ASP C 273 -19.57 -35.72 -25.13
CA ASP C 273 -20.04 -35.29 -26.44
C ASP C 273 -19.64 -33.84 -26.66
N GLY C 274 -20.10 -33.26 -27.77
CA GLY C 274 -19.77 -31.91 -28.15
C GLY C 274 -19.07 -31.91 -29.50
N PRO C 275 -19.41 -30.96 -30.37
CA PRO C 275 -18.76 -30.92 -31.68
C PRO C 275 -17.26 -30.67 -31.54
N GLU C 276 -16.47 -31.57 -32.11
CA GLU C 276 -15.02 -31.48 -32.01
C GLU C 276 -14.43 -32.18 -33.22
N ILE C 277 -13.36 -31.61 -33.77
CA ILE C 277 -12.75 -32.17 -34.97
C ILE C 277 -11.99 -33.44 -34.60
N MET C 278 -12.41 -34.57 -35.16
CA MET C 278 -11.74 -35.84 -34.95
C MET C 278 -10.95 -36.29 -36.17
N GLY C 279 -10.81 -35.43 -37.18
CA GLY C 279 -10.08 -35.81 -38.36
C GLY C 279 -10.10 -34.80 -39.50
N CYS C 280 -8.99 -34.74 -40.23
CA CYS C 280 -8.88 -33.94 -41.44
C CYS C 280 -8.73 -34.86 -42.64
N THR C 281 -8.70 -34.26 -43.83
CA THR C 281 -8.58 -35.02 -45.07
C THR C 281 -7.46 -34.52 -45.97
N GLY C 282 -7.14 -33.23 -45.93
CA GLY C 282 -6.11 -32.70 -46.79
C GLY C 282 -6.44 -32.85 -48.26
N CYS C 283 -5.58 -32.32 -49.12
CA CYS C 283 -5.81 -32.37 -50.55
C CYS C 283 -4.48 -32.29 -51.27
N GLN C 284 -4.48 -32.68 -52.55
CA GLN C 284 -3.27 -32.64 -53.35
C GLN C 284 -2.85 -31.20 -53.62
N ILE C 285 -1.54 -31.02 -53.80
CA ILE C 285 -0.99 -29.73 -54.20
C ILE C 285 0.05 -30.01 -55.28
N ASP C 286 -0.23 -29.59 -56.50
CA ASP C 286 0.76 -29.65 -57.57
C ASP C 286 1.65 -28.42 -57.52
N TRP C 287 2.63 -28.36 -58.42
CA TRP C 287 3.52 -27.22 -58.51
C TRP C 287 4.10 -27.14 -59.91
N LYS C 288 4.56 -25.92 -60.25
CA LYS C 288 5.35 -25.72 -61.45
C LYS C 288 6.83 -25.97 -61.14
N LYS C 289 7.64 -26.03 -62.20
CA LYS C 289 9.05 -26.31 -62.02
C LYS C 289 9.73 -25.22 -61.20
N GLY C 290 10.18 -25.59 -60.00
CA GLY C 290 10.92 -24.67 -59.16
C GLY C 290 10.09 -23.67 -58.40
N LYS C 291 8.76 -23.73 -58.52
CA LYS C 291 7.88 -22.79 -57.83
C LYS C 291 7.42 -23.29 -56.48
N ASN C 292 7.76 -24.52 -56.10
CA ASN C 292 7.31 -25.08 -54.85
C ASN C 292 7.96 -24.34 -53.68
N VAL C 293 7.23 -24.29 -52.57
CA VAL C 293 7.74 -23.72 -51.33
C VAL C 293 7.64 -24.68 -50.15
N THR C 294 6.77 -25.69 -50.21
CA THR C 294 6.73 -26.68 -49.14
C THR C 294 8.06 -27.41 -49.01
N LEU C 295 8.66 -27.77 -50.14
CA LEU C 295 10.00 -28.34 -50.19
C LEU C 295 10.87 -27.43 -51.04
N LYS C 296 12.01 -27.02 -50.49
CA LYS C 296 12.89 -26.05 -51.13
C LYS C 296 14.15 -26.74 -51.65
N THR C 297 14.64 -26.28 -52.80
CA THR C 297 15.84 -26.80 -53.42
C THR C 297 17.02 -25.89 -53.09
N ILE C 298 18.13 -26.49 -52.66
CA ILE C 298 19.33 -25.76 -52.27
C ILE C 298 20.55 -26.53 -52.76
N LYS C 299 21.70 -25.87 -52.68
CA LYS C 299 22.99 -26.49 -52.97
C LYS C 299 23.76 -26.58 -51.65
N LYS C 300 24.12 -27.80 -51.26
CA LYS C 300 24.70 -28.02 -49.94
C LYS C 300 25.88 -28.97 -50.03
N LYS C 301 26.82 -28.80 -49.10
CA LYS C 301 27.95 -29.70 -48.93
C LYS C 301 27.58 -30.70 -47.84
N GLN C 302 26.72 -31.65 -48.21
CA GLN C 302 26.22 -32.63 -47.26
C GLN C 302 27.31 -33.61 -46.84
N LYS C 303 27.05 -34.30 -45.73
CA LYS C 303 27.94 -35.33 -45.22
C LYS C 303 27.31 -36.69 -45.48
N HIS C 304 28.06 -37.57 -46.13
CA HIS C 304 27.53 -38.89 -46.46
C HIS C 304 27.20 -39.66 -45.20
N LYS C 305 26.05 -40.34 -45.22
CA LYS C 305 25.59 -41.09 -44.06
C LYS C 305 26.39 -42.39 -43.93
N GLY C 306 27.06 -42.56 -42.79
CA GLY C 306 27.82 -43.76 -42.51
C GLY C 306 29.21 -43.78 -43.10
N ARG C 307 29.62 -42.75 -43.85
CA ARG C 307 30.96 -42.71 -44.43
C ARG C 307 31.62 -41.36 -44.15
N GLY C 308 30.82 -40.32 -44.00
CA GLY C 308 31.34 -39.00 -43.71
C GLY C 308 31.86 -38.23 -44.90
N THR C 309 31.78 -38.80 -46.10
CA THR C 309 32.29 -38.11 -47.28
C THR C 309 31.47 -36.86 -47.58
N VAL C 310 32.16 -35.84 -48.08
CA VAL C 310 31.53 -34.55 -48.40
C VAL C 310 30.99 -34.62 -49.82
N ARG C 311 29.74 -34.19 -49.99
CA ARG C 311 29.08 -34.18 -51.29
C ARG C 311 28.51 -32.78 -51.53
N THR C 312 29.13 -32.03 -52.43
CA THR C 312 28.64 -30.70 -52.80
C THR C 312 27.64 -30.89 -53.93
N VAL C 313 26.36 -31.00 -53.57
CA VAL C 313 25.32 -31.40 -54.51
C VAL C 313 24.04 -30.64 -54.18
N THR C 314 23.09 -30.70 -55.12
CA THR C 314 21.76 -30.14 -54.91
C THR C 314 20.91 -31.09 -54.07
N LYS C 315 20.01 -30.50 -53.28
CA LYS C 315 19.14 -31.27 -52.42
C LYS C 315 17.79 -30.58 -52.32
N THR C 316 16.75 -31.38 -52.08
CA THR C 316 15.41 -30.89 -51.80
C THR C 316 15.08 -31.23 -50.35
N VAL C 317 14.76 -30.20 -49.56
CA VAL C 317 14.55 -30.34 -48.13
C VAL C 317 13.19 -29.76 -47.77
N SER C 318 12.46 -30.47 -46.90
CA SER C 318 11.18 -29.97 -46.44
C SER C 318 11.35 -28.60 -45.79
N ASN C 319 10.47 -27.68 -46.14
CA ASN C 319 10.57 -26.30 -45.70
C ASN C 319 9.27 -25.87 -45.05
N ASP C 320 9.39 -24.98 -44.06
CA ASP C 320 8.22 -24.43 -43.38
C ASP C 320 7.52 -23.45 -44.33
N SER C 321 6.25 -23.73 -44.62
CA SER C 321 5.49 -22.91 -45.56
C SER C 321 4.02 -22.90 -45.15
N PHE C 322 3.31 -21.90 -45.65
CA PHE C 322 1.88 -21.80 -45.35
C PHE C 322 1.11 -22.97 -45.92
N PHE C 323 1.50 -23.44 -47.10
CA PHE C 323 0.71 -24.45 -47.80
C PHE C 323 0.86 -25.84 -47.19
N ASN C 324 1.81 -26.05 -46.28
CA ASN C 324 1.79 -27.25 -45.46
C ASN C 324 0.50 -27.35 -44.66
N PHE C 325 -0.22 -26.24 -44.53
CA PHE C 325 -1.55 -26.24 -43.92
C PHE C 325 -2.48 -27.20 -44.62
N PHE C 326 -2.24 -27.49 -45.89
CA PHE C 326 -3.09 -28.38 -46.67
C PHE C 326 -2.60 -29.83 -46.69
N ALA C 327 -1.51 -30.13 -46.00
CA ALA C 327 -0.92 -31.47 -45.98
C ALA C 327 -0.82 -31.93 -44.54
N PRO C 328 -1.86 -32.59 -44.02
CA PRO C 328 -1.84 -33.01 -42.62
C PRO C 328 -1.05 -34.29 -42.44
N PRO C 329 -0.66 -34.63 -41.21
CA PRO C 329 -0.01 -35.92 -40.98
C PRO C 329 -0.98 -37.08 -41.22
N GLU C 330 -0.64 -37.92 -42.18
CA GLU C 330 -1.46 -39.09 -42.52
C GLU C 330 -1.54 -39.99 -41.29
N VAL C 331 -2.74 -40.12 -40.73
CA VAL C 331 -2.94 -40.95 -39.54
C VAL C 331 -2.51 -42.38 -39.82
N ILE C 344 0.82 -31.41 -33.90
CA ILE C 344 0.55 -30.59 -35.06
C ILE C 344 -0.88 -30.83 -35.54
N LEU C 345 -1.35 -32.07 -35.41
CA LEU C 345 -2.70 -32.40 -35.86
C LEU C 345 -3.74 -31.58 -35.11
N ALA C 346 -3.58 -31.46 -33.78
CA ALA C 346 -4.52 -30.65 -33.00
C ALA C 346 -4.42 -29.18 -33.39
N ALA C 347 -3.20 -28.69 -33.62
CA ALA C 347 -3.03 -27.29 -34.02
C ALA C 347 -3.70 -27.03 -35.37
N ASP C 348 -3.50 -27.91 -36.34
CA ASP C 348 -4.14 -27.73 -37.63
C ASP C 348 -5.65 -27.82 -37.50
N PHE C 349 -6.14 -28.74 -36.66
CA PHE C 349 -7.58 -28.86 -36.46
C PHE C 349 -8.16 -27.56 -35.90
N GLU C 350 -7.52 -27.01 -34.87
CA GLU C 350 -8.05 -25.79 -34.26
C GLU C 350 -7.93 -24.60 -35.19
N ILE C 351 -6.88 -24.54 -36.02
CA ILE C 351 -6.77 -23.44 -36.97
C ILE C 351 -7.84 -23.53 -38.04
N GLY C 352 -8.10 -24.74 -38.52
CA GLY C 352 -9.21 -24.93 -39.45
C GLY C 352 -10.53 -24.54 -38.83
N HIS C 353 -10.75 -24.93 -37.57
CA HIS C 353 -11.99 -24.57 -36.89
C HIS C 353 -12.10 -23.06 -36.72
N PHE C 354 -10.97 -22.38 -36.46
CA PHE C 354 -10.98 -20.93 -36.39
C PHE C 354 -11.37 -20.32 -37.71
N LEU C 355 -10.82 -20.81 -38.82
CA LEU C 355 -11.23 -20.30 -40.12
C LEU C 355 -12.69 -20.64 -40.40
N ARG C 356 -13.19 -21.70 -39.77
CA ARG C 356 -14.59 -22.09 -39.96
C ARG C 356 -15.54 -21.12 -39.26
N GLU C 357 -15.25 -20.80 -37.99
CA GLU C 357 -16.25 -20.06 -37.21
C GLU C 357 -15.96 -18.57 -37.12
N ARG C 358 -14.72 -18.13 -37.38
CA ARG C 358 -14.37 -16.73 -37.23
C ARG C 358 -13.97 -16.07 -38.54
N ILE C 359 -12.97 -16.60 -39.24
CA ILE C 359 -12.32 -15.82 -40.28
C ILE C 359 -13.10 -15.85 -41.58
N ILE C 360 -13.72 -16.98 -41.90
CA ILE C 360 -14.57 -17.05 -43.08
C ILE C 360 -15.87 -16.30 -42.81
N PRO C 361 -16.60 -16.60 -41.73
CA PRO C 361 -17.88 -15.90 -41.51
C PRO C 361 -17.72 -14.42 -41.23
N ARG C 362 -16.78 -14.05 -40.35
CA ARG C 362 -16.59 -12.67 -39.91
C ARG C 362 -15.29 -12.07 -40.44
N SER C 363 -14.96 -12.32 -41.71
CA SER C 363 -13.68 -11.86 -42.25
C SER C 363 -13.50 -10.36 -42.06
N VAL C 364 -14.60 -9.62 -42.03
CA VAL C 364 -14.51 -8.16 -41.95
C VAL C 364 -13.79 -7.76 -40.67
N LEU C 365 -14.18 -8.36 -39.55
CA LEU C 365 -13.65 -7.94 -38.26
C LEU C 365 -12.14 -8.12 -38.22
N TYR C 366 -11.64 -9.18 -38.85
CA TYR C 366 -10.21 -9.48 -38.81
C TYR C 366 -9.43 -8.81 -39.92
N PHE C 367 -10.09 -8.31 -40.97
CA PHE C 367 -9.36 -7.61 -42.02
C PHE C 367 -9.12 -6.14 -41.67
N THR C 368 -10.17 -5.44 -41.27
CA THR C 368 -10.04 -4.03 -40.91
C THR C 368 -9.20 -3.81 -39.67
N GLY C 369 -8.78 -4.88 -39.01
CA GLY C 369 -8.19 -4.79 -37.69
C GLY C 369 -9.22 -4.66 -36.60
N GLU C 370 -10.49 -4.82 -36.92
CA GLU C 370 -11.58 -4.59 -35.97
C GLU C 370 -11.82 -5.78 -35.05
N ALA C 371 -11.14 -6.90 -35.26
CA ALA C 371 -11.21 -8.03 -34.34
C ALA C 371 -9.80 -8.53 -34.05
N ILE C 372 -9.71 -9.35 -33.01
CA ILE C 372 -8.44 -9.86 -32.51
C ILE C 372 -8.59 -11.34 -32.21
N GLU C 373 -7.44 -12.02 -32.14
CA GLU C 373 -7.38 -13.38 -31.60
C GLU C 373 -6.02 -13.50 -30.92
N ASP C 374 -6.01 -13.34 -29.60
CA ASP C 374 -4.77 -13.37 -28.83
C ASP C 374 -3.83 -12.27 -29.32
N VAL D 98 -10.50 4.86 -51.85
CA VAL D 98 -11.02 3.97 -52.87
C VAL D 98 -11.39 2.62 -52.24
N VAL D 99 -10.37 1.85 -51.87
CA VAL D 99 -10.60 0.54 -51.29
C VAL D 99 -11.45 0.67 -50.03
N LYS D 100 -11.18 1.70 -49.22
CA LYS D 100 -11.87 1.84 -47.95
C LYS D 100 -13.38 1.90 -48.13
N ARG D 101 -13.86 2.47 -49.24
CA ARG D 101 -15.30 2.55 -49.46
C ARG D 101 -15.91 1.16 -49.58
N ARG D 102 -15.31 0.30 -50.40
CA ARG D 102 -15.85 -1.04 -50.55
C ARG D 102 -15.61 -1.87 -49.29
N VAL D 103 -14.55 -1.56 -48.54
CA VAL D 103 -14.37 -2.21 -47.24
C VAL D 103 -15.53 -1.86 -46.31
N ASN D 104 -15.93 -0.59 -46.31
CA ASN D 104 -17.06 -0.17 -45.47
C ASN D 104 -18.35 -0.81 -45.94
N ALA D 105 -18.56 -0.92 -47.25
CA ALA D 105 -19.73 -1.62 -47.76
C ALA D 105 -19.72 -3.08 -47.33
N LEU D 106 -18.55 -3.70 -47.40
CA LEU D 106 -18.40 -5.09 -46.97
C LEU D 106 -18.66 -5.21 -45.47
N LYS D 107 -18.35 -4.16 -44.72
CA LYS D 107 -18.68 -4.12 -43.30
C LYS D 107 -20.18 -4.06 -43.08
N ASN D 108 -20.87 -3.19 -43.82
CA ASN D 108 -22.33 -3.16 -43.76
C ASN D 108 -22.89 -4.53 -44.09
N LEU D 109 -22.26 -5.22 -45.03
CA LEU D 109 -22.63 -6.60 -45.34
C LEU D 109 -22.43 -7.52 -44.15
N GLN D 110 -21.31 -7.35 -43.44
CA GLN D 110 -21.07 -8.15 -42.24
C GLN D 110 -22.16 -7.90 -41.20
N VAL D 111 -22.71 -6.70 -41.16
CA VAL D 111 -23.81 -6.43 -40.24
C VAL D 111 -25.00 -7.33 -40.55
N LYS D 112 -25.34 -7.44 -41.83
CA LYS D 112 -26.42 -8.33 -42.23
C LYS D 112 -26.06 -9.78 -41.94
N CYS D 113 -24.78 -10.12 -42.08
CA CYS D 113 -24.32 -11.45 -41.71
C CYS D 113 -24.59 -11.72 -40.23
N ALA D 114 -24.31 -10.72 -39.39
CA ALA D 114 -24.56 -10.85 -37.97
C ALA D 114 -26.05 -11.02 -37.69
N GLN D 115 -26.89 -10.29 -38.43
CA GLN D 115 -28.33 -10.44 -38.28
C GLN D 115 -28.78 -11.86 -38.64
N ILE D 116 -28.25 -12.38 -39.75
CA ILE D 116 -28.58 -13.74 -40.15
C ILE D 116 -28.13 -14.73 -39.08
N GLU D 117 -26.97 -14.48 -38.48
CA GLU D 117 -26.49 -15.34 -37.41
C GLU D 117 -27.38 -15.23 -36.18
N ALA D 118 -27.94 -14.04 -35.96
CA ALA D 118 -28.89 -13.87 -34.86
C ALA D 118 -30.13 -14.72 -35.09
N LYS D 119 -30.65 -14.73 -36.32
CA LYS D 119 -31.77 -15.62 -36.63
C LYS D 119 -31.37 -17.08 -36.47
N PHE D 120 -30.15 -17.42 -36.89
CA PHE D 120 -29.62 -18.76 -36.68
C PHE D 120 -29.71 -19.14 -35.21
N TYR D 121 -29.22 -18.27 -34.33
CA TYR D 121 -29.20 -18.60 -32.91
C TYR D 121 -30.61 -18.59 -32.33
N GLU D 122 -31.52 -17.82 -32.91
CA GLU D 122 -32.91 -17.88 -32.51
C GLU D 122 -33.48 -19.27 -32.76
N GLU D 123 -33.29 -19.79 -33.97
CA GLU D 123 -33.77 -21.13 -34.25
C GLU D 123 -32.98 -22.16 -33.45
N VAL D 124 -31.74 -21.83 -33.08
CA VAL D 124 -30.97 -22.70 -32.18
C VAL D 124 -31.68 -22.80 -30.84
N HIS D 125 -32.16 -21.67 -30.33
CA HIS D 125 -32.93 -21.70 -29.09
C HIS D 125 -34.23 -22.47 -29.27
N ASP D 126 -34.87 -22.35 -30.43
CA ASP D 126 -36.08 -23.11 -30.69
C ASP D 126 -35.78 -24.61 -30.64
N LEU D 127 -34.68 -25.02 -31.27
CA LEU D 127 -34.25 -26.40 -31.20
C LEU D 127 -33.95 -26.81 -29.76
N GLU D 128 -33.35 -25.90 -28.99
CA GLU D 128 -33.06 -26.20 -27.60
C GLU D 128 -34.36 -26.48 -26.85
N ARG D 129 -35.39 -25.69 -27.10
CA ARG D 129 -36.68 -25.91 -26.46
C ARG D 129 -37.27 -27.26 -26.87
N LYS D 130 -37.29 -27.54 -28.16
CA LYS D 130 -37.88 -28.79 -28.64
C LYS D 130 -37.14 -30.00 -28.08
N TYR D 131 -35.82 -30.00 -28.22
CA TYR D 131 -35.03 -31.10 -27.68
C TYR D 131 -35.14 -31.15 -26.17
N ALA D 132 -35.41 -30.03 -25.51
CA ALA D 132 -35.66 -30.07 -24.07
C ALA D 132 -36.96 -30.78 -23.77
N VAL D 133 -37.98 -30.55 -24.60
CA VAL D 133 -39.20 -31.35 -24.49
C VAL D 133 -38.84 -32.82 -24.61
N LEU D 134 -37.93 -33.15 -25.53
CA LEU D 134 -37.48 -34.53 -25.66
C LEU D 134 -36.66 -35.00 -24.45
N TYR D 135 -35.95 -34.10 -23.77
CA TYR D 135 -35.22 -34.47 -22.56
C TYR D 135 -36.14 -34.72 -21.39
N GLN D 136 -37.33 -34.10 -21.40
CA GLN D 136 -38.19 -34.14 -20.21
C GLN D 136 -38.35 -35.53 -19.64
N PRO D 137 -38.53 -36.59 -20.44
CA PRO D 137 -38.56 -37.94 -19.83
C PRO D 137 -37.31 -38.27 -19.04
N LEU D 138 -36.13 -37.91 -19.55
CA LEU D 138 -34.89 -38.22 -18.85
C LEU D 138 -34.78 -37.42 -17.56
N PHE D 139 -35.09 -36.12 -17.62
CA PHE D 139 -35.02 -35.29 -16.43
C PHE D 139 -36.04 -35.73 -15.40
N ASP D 140 -37.21 -36.18 -15.84
CA ASP D 140 -38.23 -36.69 -14.93
C ASP D 140 -37.76 -37.99 -14.27
N LYS D 141 -37.11 -38.85 -15.04
CA LYS D 141 -36.57 -40.08 -14.47
C LYS D 141 -35.50 -39.75 -13.44
N ARG D 142 -34.70 -38.72 -13.72
CA ARG D 142 -33.79 -38.19 -12.70
C ARG D 142 -34.57 -37.77 -11.46
N PHE D 143 -35.61 -36.96 -11.66
CA PHE D 143 -36.40 -36.46 -10.54
C PHE D 143 -36.85 -37.61 -9.64
N GLU D 144 -37.41 -38.66 -10.23
CA GLU D 144 -37.90 -39.75 -9.40
C GLU D 144 -36.74 -40.53 -8.79
N ILE D 145 -35.63 -40.65 -9.52
CA ILE D 145 -34.45 -41.30 -8.96
C ILE D 145 -33.93 -40.54 -7.76
N ILE D 146 -33.92 -39.20 -7.84
CA ILE D 146 -33.47 -38.38 -6.73
C ILE D 146 -34.29 -38.63 -5.47
N ASN D 147 -35.52 -39.13 -5.62
CA ASN D 147 -36.34 -39.46 -4.46
C ASN D 147 -35.77 -40.69 -3.76
N GLY D 191 -33.02 -41.92 -2.43
CA GLY D 191 -32.62 -40.68 -3.08
C GLY D 191 -31.14 -40.41 -2.97
N ILE D 192 -30.61 -39.66 -3.93
CA ILE D 192 -29.19 -39.31 -3.95
C ILE D 192 -29.00 -38.13 -3.00
N PRO D 193 -28.41 -38.33 -1.82
CA PRO D 193 -28.40 -37.25 -0.81
C PRO D 193 -27.76 -35.99 -1.33
N GLU D 194 -28.36 -34.85 -0.98
CA GLU D 194 -27.80 -33.53 -1.26
C GLU D 194 -27.31 -33.43 -2.70
N PHE D 195 -28.01 -34.12 -3.61
CA PHE D 195 -27.49 -34.31 -4.95
C PHE D 195 -26.98 -33.01 -5.56
N TRP D 196 -27.88 -32.03 -5.75
CA TRP D 196 -27.46 -30.81 -6.41
C TRP D 196 -26.53 -29.99 -5.53
N LEU D 197 -26.62 -30.14 -4.21
CA LEU D 197 -25.64 -29.47 -3.34
C LEU D 197 -24.24 -29.97 -3.63
N THR D 198 -24.06 -31.29 -3.73
CA THR D 198 -22.76 -31.83 -4.12
C THR D 198 -22.39 -31.36 -5.52
N VAL D 199 -23.34 -31.38 -6.45
CA VAL D 199 -23.04 -30.96 -7.82
C VAL D 199 -22.47 -29.55 -7.82
N PHE D 200 -23.11 -28.65 -7.06
CA PHE D 200 -22.61 -27.28 -7.00
C PHE D 200 -21.25 -27.22 -6.30
N LYS D 201 -21.08 -28.00 -5.24
CA LYS D 201 -19.82 -28.00 -4.51
C LYS D 201 -18.65 -28.46 -5.37
N ASN D 202 -18.91 -29.28 -6.38
CA ASN D 202 -17.85 -29.83 -7.21
C ASN D 202 -17.51 -28.94 -8.40
N VAL D 203 -18.11 -27.76 -8.51
CA VAL D 203 -17.89 -26.85 -9.62
C VAL D 203 -17.28 -25.58 -9.08
N ASP D 204 -16.18 -25.14 -9.71
CA ASP D 204 -15.41 -24.02 -9.16
C ASP D 204 -16.25 -22.76 -9.08
N LEU D 205 -17.04 -22.48 -10.11
CA LEU D 205 -17.84 -21.26 -10.12
C LEU D 205 -18.81 -21.24 -8.95
N LEU D 206 -19.37 -22.39 -8.58
CA LEU D 206 -20.49 -22.46 -7.65
C LEU D 206 -20.08 -22.69 -6.20
N SER D 207 -19.00 -23.44 -5.96
CA SER D 207 -18.52 -23.59 -4.60
C SER D 207 -18.21 -22.25 -3.96
N ASP D 208 -17.90 -21.24 -4.77
CA ASP D 208 -17.61 -19.91 -4.25
C ASP D 208 -18.81 -19.28 -3.55
N MET D 209 -20.03 -19.59 -3.96
CA MET D 209 -21.21 -18.99 -3.35
C MET D 209 -21.76 -19.79 -2.17
N VAL D 210 -21.65 -21.12 -2.19
CA VAL D 210 -22.22 -21.93 -1.12
C VAL D 210 -21.38 -21.73 0.13
N GLN D 211 -21.98 -21.13 1.16
CA GLN D 211 -21.34 -20.97 2.46
C GLN D 211 -21.69 -22.14 3.37
N GLU D 212 -20.92 -22.26 4.45
CA GLU D 212 -21.13 -23.38 5.36
C GLU D 212 -22.55 -23.41 5.90
N HIS D 213 -23.01 -22.29 6.46
CA HIS D 213 -24.35 -22.25 7.05
C HIS D 213 -25.43 -22.45 6.00
N ASP D 214 -25.09 -22.39 4.71
CA ASP D 214 -26.08 -22.62 3.67
C ASP D 214 -26.42 -24.10 3.56
N GLU D 215 -25.51 -24.98 3.95
CA GLU D 215 -25.70 -26.40 3.68
C GLU D 215 -27.03 -26.94 4.18
N PRO D 216 -27.55 -26.55 5.35
CA PRO D 216 -28.87 -27.07 5.75
C PRO D 216 -29.98 -26.65 4.82
N ILE D 217 -29.81 -25.56 4.08
CA ILE D 217 -30.85 -25.05 3.21
C ILE D 217 -30.85 -25.75 1.86
N LEU D 218 -29.79 -25.55 1.09
CA LEU D 218 -29.71 -26.08 -0.26
C LEU D 218 -29.83 -27.60 -0.28
N LYS D 219 -29.44 -28.28 0.80
CA LYS D 219 -29.54 -29.73 0.84
C LYS D 219 -30.97 -30.20 0.63
N HIS D 220 -31.96 -29.39 1.00
CA HIS D 220 -33.35 -29.76 0.77
C HIS D 220 -33.78 -29.52 -0.68
N LEU D 221 -32.90 -28.99 -1.51
CA LEU D 221 -33.16 -28.91 -2.94
C LEU D 221 -33.46 -30.30 -3.48
N LYS D 222 -34.58 -30.43 -4.20
CA LYS D 222 -35.04 -31.71 -4.71
C LYS D 222 -34.81 -31.89 -6.20
N ASP D 223 -34.76 -30.80 -6.97
CA ASP D 223 -34.49 -30.92 -8.39
C ASP D 223 -34.15 -29.54 -8.94
N ILE D 224 -33.51 -29.53 -10.11
CA ILE D 224 -33.29 -28.31 -10.88
C ILE D 224 -33.54 -28.61 -12.34
N LYS D 225 -34.22 -27.69 -13.03
CA LYS D 225 -34.51 -27.86 -14.44
C LYS D 225 -34.38 -26.52 -15.15
N VAL D 226 -34.41 -26.57 -16.48
CA VAL D 226 -34.36 -25.40 -17.33
C VAL D 226 -35.60 -25.39 -18.22
N LYS D 227 -36.28 -24.25 -18.26
CA LYS D 227 -37.35 -24.00 -19.21
C LYS D 227 -36.90 -22.92 -20.18
N PHE D 228 -37.35 -23.03 -21.43
CA PHE D 228 -36.91 -22.12 -22.48
C PHE D 228 -38.10 -21.31 -22.98
N SER D 229 -37.83 -20.03 -23.26
CA SER D 229 -38.90 -19.12 -23.66
C SER D 229 -39.49 -19.54 -25.00
N ASP D 230 -40.77 -19.28 -25.16
CA ASP D 230 -41.47 -19.62 -26.39
C ASP D 230 -41.20 -18.57 -27.46
N ALA D 231 -41.60 -18.89 -28.69
CA ALA D 231 -41.38 -17.98 -29.81
C ALA D 231 -42.15 -16.69 -29.62
N GLY D 232 -41.58 -15.58 -30.12
CA GLY D 232 -42.24 -14.29 -30.08
C GLY D 232 -41.62 -13.34 -29.07
N GLN D 233 -41.27 -13.84 -27.90
CA GLN D 233 -40.66 -13.03 -26.86
C GLN D 233 -39.14 -13.16 -26.91
N PRO D 234 -38.42 -12.21 -26.31
CA PRO D 234 -36.96 -12.29 -26.33
C PRO D 234 -36.47 -13.59 -25.71
N MET D 235 -35.40 -14.14 -26.29
CA MET D 235 -34.88 -15.40 -25.79
C MET D 235 -34.48 -15.29 -24.34
N SER D 236 -34.82 -16.31 -23.56
CA SER D 236 -34.46 -16.36 -22.16
C SER D 236 -34.48 -17.82 -21.73
N PHE D 237 -33.83 -18.09 -20.61
CA PHE D 237 -33.99 -19.39 -19.96
C PHE D 237 -34.32 -19.15 -18.50
N VAL D 238 -35.20 -19.99 -17.99
CA VAL D 238 -35.66 -19.93 -16.60
C VAL D 238 -35.14 -21.17 -15.90
N LEU D 239 -34.22 -20.98 -14.96
CA LEU D 239 -33.80 -22.05 -14.07
C LEU D 239 -34.82 -22.18 -12.95
N GLU D 240 -35.42 -23.36 -12.82
CA GLU D 240 -36.42 -23.63 -11.81
C GLU D 240 -35.84 -24.63 -10.81
N PHE D 241 -35.82 -24.25 -9.54
CA PHE D 241 -35.27 -25.06 -8.47
C PHE D 241 -36.42 -25.57 -7.61
N HIS D 242 -36.68 -26.86 -7.69
CA HIS D 242 -37.76 -27.50 -6.95
C HIS D 242 -37.24 -27.96 -5.60
N PHE D 243 -37.83 -27.43 -4.52
CA PHE D 243 -37.42 -27.71 -3.16
C PHE D 243 -38.53 -28.46 -2.44
N GLU D 244 -38.17 -29.49 -1.68
CA GLU D 244 -39.12 -30.21 -0.87
C GLU D 244 -39.60 -29.35 0.29
N PRO D 245 -40.61 -29.79 1.02
CA PRO D 245 -41.01 -29.07 2.23
C PRO D 245 -39.84 -28.96 3.20
N ASN D 246 -39.70 -27.81 3.83
CA ASN D 246 -38.53 -27.49 4.63
C ASN D 246 -38.95 -26.66 5.84
N GLU D 247 -37.95 -26.28 6.64
CA GLU D 247 -38.14 -25.41 7.78
C GLU D 247 -37.63 -24.00 7.53
N TYR D 248 -37.34 -23.66 6.28
CA TYR D 248 -36.63 -22.44 5.92
C TYR D 248 -37.39 -21.56 4.94
N PHE D 249 -38.30 -22.13 4.16
CA PHE D 249 -39.15 -21.36 3.27
C PHE D 249 -40.21 -22.27 2.68
N THR D 250 -41.29 -21.66 2.20
CA THR D 250 -42.45 -22.41 1.74
C THR D 250 -42.52 -22.57 0.24
N ASN D 251 -41.65 -21.91 -0.53
CA ASN D 251 -41.68 -21.99 -1.98
C ASN D 251 -41.45 -23.44 -2.41
N GLU D 252 -42.49 -24.08 -2.94
CA GLU D 252 -42.32 -25.43 -3.48
C GLU D 252 -41.35 -25.42 -4.66
N VAL D 253 -41.48 -24.44 -5.54
CA VAL D 253 -40.57 -24.25 -6.66
C VAL D 253 -40.16 -22.79 -6.70
N LEU D 254 -38.86 -22.53 -6.72
CA LEU D 254 -38.33 -21.18 -6.86
C LEU D 254 -37.88 -20.99 -8.31
N THR D 255 -37.96 -19.76 -8.79
CA THR D 255 -37.70 -19.44 -10.18
C THR D 255 -36.57 -18.44 -10.26
N LYS D 256 -35.82 -18.47 -11.36
CA LYS D 256 -34.91 -17.37 -11.64
C LYS D 256 -34.65 -17.38 -13.14
N THR D 257 -34.49 -16.20 -13.73
CA THR D 257 -34.55 -16.10 -15.18
C THR D 257 -33.40 -15.25 -15.72
N TYR D 258 -32.97 -15.59 -16.93
CA TYR D 258 -31.97 -14.83 -17.67
C TYR D 258 -32.52 -14.53 -19.06
N ARG D 259 -32.41 -13.26 -19.47
CA ARG D 259 -32.80 -12.86 -20.81
C ARG D 259 -31.56 -12.70 -21.66
N MET D 260 -31.52 -13.39 -22.80
CA MET D 260 -30.40 -13.28 -23.72
C MET D 260 -30.72 -12.21 -24.77
N ARG D 261 -29.80 -12.02 -25.72
CA ARG D 261 -30.00 -11.08 -26.81
C ARG D 261 -30.36 -11.84 -28.07
N SER D 262 -30.99 -11.12 -29.02
CA SER D 262 -31.35 -11.69 -30.30
C SER D 262 -31.09 -10.70 -31.44
N GLU D 263 -30.27 -9.69 -31.20
CA GLU D 263 -30.05 -8.64 -32.18
C GLU D 263 -28.68 -8.03 -31.98
N PRO D 264 -28.09 -7.42 -33.02
CA PRO D 264 -26.93 -6.55 -32.81
C PRO D 264 -27.33 -5.22 -32.20
N ASP D 265 -26.40 -4.27 -32.11
CA ASP D 265 -26.67 -3.02 -31.42
C ASP D 265 -26.49 -1.76 -32.25
N ASP D 266 -25.86 -1.84 -33.42
CA ASP D 266 -25.64 -0.64 -34.23
C ASP D 266 -25.24 -1.04 -35.64
N SER D 267 -24.82 -0.05 -36.44
CA SER D 267 -24.45 -0.27 -37.83
C SER D 267 -23.04 -0.80 -37.99
N ASP D 268 -22.28 -0.91 -36.92
CA ASP D 268 -20.99 -1.58 -37.00
C ASP D 268 -21.16 -3.07 -36.78
N PRO D 269 -20.24 -3.90 -37.29
CA PRO D 269 -20.41 -5.35 -37.15
C PRO D 269 -20.16 -5.79 -35.73
N PHE D 270 -21.17 -5.61 -34.88
CA PHE D 270 -20.97 -5.73 -33.45
C PHE D 270 -20.91 -7.20 -33.01
N SER D 271 -20.38 -7.40 -31.81
CA SER D 271 -20.11 -8.73 -31.31
C SER D 271 -21.41 -9.46 -30.96
N PHE D 272 -21.53 -10.69 -31.43
CA PHE D 272 -22.60 -11.59 -31.01
C PHE D 272 -22.07 -13.02 -31.17
N ASP D 273 -21.47 -13.55 -30.12
CA ASP D 273 -20.93 -14.90 -30.14
C ASP D 273 -21.97 -15.87 -29.58
N GLY D 274 -23.13 -15.89 -30.22
CA GLY D 274 -24.28 -16.61 -29.72
C GLY D 274 -25.12 -15.72 -28.84
N PRO D 275 -26.11 -16.30 -28.17
CA PRO D 275 -26.96 -15.50 -27.28
C PRO D 275 -26.28 -15.28 -25.94
N GLU D 276 -25.77 -14.07 -25.73
CA GLU D 276 -25.14 -13.72 -24.48
C GLU D 276 -26.19 -13.21 -23.49
N ILE D 277 -25.74 -12.89 -22.29
CA ILE D 277 -26.63 -12.64 -21.15
C ILE D 277 -26.53 -11.17 -20.77
N MET D 278 -27.66 -10.48 -20.77
CA MET D 278 -27.81 -9.16 -20.17
C MET D 278 -28.95 -9.24 -19.16
N GLY D 279 -28.81 -8.52 -18.05
CA GLY D 279 -29.84 -8.49 -17.03
C GLY D 279 -30.14 -9.87 -16.47
N CYS D 280 -31.01 -9.88 -15.47
CA CYS D 280 -31.43 -11.10 -14.80
C CYS D 280 -32.53 -10.73 -13.81
N THR D 281 -33.36 -11.71 -13.47
CA THR D 281 -34.55 -11.49 -12.66
C THR D 281 -34.38 -12.19 -11.33
N GLY D 282 -34.23 -11.41 -10.26
CA GLY D 282 -34.25 -11.95 -8.93
C GLY D 282 -35.68 -12.30 -8.53
N CYS D 283 -35.80 -12.98 -7.39
CA CYS D 283 -37.11 -13.32 -6.84
C CYS D 283 -37.00 -13.39 -5.33
N GLN D 284 -38.14 -13.27 -4.67
CA GLN D 284 -38.22 -13.31 -3.21
C GLN D 284 -38.56 -14.73 -2.76
N ILE D 285 -37.82 -15.22 -1.79
CA ILE D 285 -38.05 -16.55 -1.22
C ILE D 285 -38.97 -16.39 -0.02
N ASP D 286 -40.01 -17.23 0.05
CA ASP D 286 -40.99 -17.19 1.13
C ASP D 286 -40.35 -17.78 2.38
N TRP D 287 -39.43 -17.02 2.96
CA TRP D 287 -38.71 -17.47 4.14
C TRP D 287 -39.66 -17.63 5.33
N LYS D 288 -39.30 -18.54 6.23
CA LYS D 288 -39.96 -18.60 7.52
C LYS D 288 -39.41 -17.48 8.42
N LYS D 289 -40.09 -17.27 9.55
CA LYS D 289 -39.73 -16.19 10.46
C LYS D 289 -38.26 -16.26 10.84
N GLY D 290 -37.50 -15.24 10.50
CA GLY D 290 -36.10 -15.16 10.91
C GLY D 290 -35.21 -16.23 10.34
N LYS D 291 -35.61 -16.88 9.26
CA LYS D 291 -34.81 -17.93 8.64
C LYS D 291 -34.02 -17.44 7.43
N ASN D 292 -34.12 -16.14 7.10
CA ASN D 292 -33.35 -15.61 5.99
C ASN D 292 -31.86 -15.69 6.29
N VAL D 293 -31.07 -16.02 5.27
CA VAL D 293 -29.62 -16.04 5.38
C VAL D 293 -28.96 -14.97 4.53
N THR D 294 -29.63 -14.45 3.50
CA THR D 294 -29.03 -13.37 2.71
C THR D 294 -28.72 -12.16 3.58
N LEU D 295 -29.48 -11.96 4.64
CA LEU D 295 -29.23 -10.91 5.62
C LEU D 295 -29.04 -11.55 6.99
N LYS D 296 -28.04 -11.09 7.72
CA LYS D 296 -27.68 -11.64 9.02
C LYS D 296 -27.96 -10.60 10.10
N THR D 297 -28.54 -11.06 11.21
CA THR D 297 -28.86 -10.19 12.35
C THR D 297 -27.63 -10.11 13.24
N ILE D 298 -26.77 -9.14 12.96
CA ILE D 298 -25.53 -8.97 13.70
C ILE D 298 -25.79 -8.10 14.93
N LYS D 299 -25.19 -8.48 16.05
CA LYS D 299 -25.25 -7.68 17.27
C LYS D 299 -24.11 -6.66 17.24
N LYS D 300 -24.32 -5.63 16.42
CA LYS D 300 -23.28 -4.62 16.21
C LYS D 300 -23.00 -3.89 17.51
N LYS D 301 -21.70 -3.66 17.77
CA LYS D 301 -21.28 -2.94 18.96
C LYS D 301 -21.32 -1.44 18.72
N GLN D 302 -21.94 -0.71 19.63
CA GLN D 302 -22.04 0.74 19.55
C GLN D 302 -21.75 1.33 20.93
N LYS D 303 -21.57 2.65 20.96
CA LYS D 303 -21.25 3.36 22.18
C LYS D 303 -22.23 4.51 22.37
N HIS D 304 -22.68 4.69 23.61
CA HIS D 304 -23.59 5.77 23.93
C HIS D 304 -22.90 7.12 23.76
N LYS D 305 -23.65 8.11 23.30
CA LYS D 305 -23.09 9.45 23.12
C LYS D 305 -22.76 10.07 24.47
N GLY D 306 -21.55 10.62 24.58
CA GLY D 306 -21.12 11.24 25.83
C GLY D 306 -20.71 10.23 26.88
N ARG D 307 -21.66 9.38 27.30
CA ARG D 307 -21.35 8.39 28.32
C ARG D 307 -20.27 7.43 27.85
N GLY D 308 -20.37 6.97 26.60
CA GLY D 308 -19.39 6.05 26.05
C GLY D 308 -19.59 4.60 26.41
N THR D 309 -20.66 4.27 27.13
CA THR D 309 -20.91 2.88 27.50
C THR D 309 -21.18 2.04 26.25
N VAL D 310 -20.64 0.82 26.25
CA VAL D 310 -20.78 -0.07 25.11
C VAL D 310 -22.12 -0.79 25.19
N ARG D 311 -22.66 -1.13 24.02
CA ARG D 311 -23.94 -1.82 23.94
C ARG D 311 -24.00 -2.58 22.63
N THR D 312 -24.91 -3.54 22.55
CA THR D 312 -25.12 -4.36 21.36
C THR D 312 -26.50 -4.06 20.78
N VAL D 313 -26.53 -3.78 19.49
CA VAL D 313 -27.77 -3.46 18.78
C VAL D 313 -27.94 -4.48 17.65
N THR D 314 -29.12 -5.10 17.60
CA THR D 314 -29.41 -6.09 16.56
C THR D 314 -29.75 -5.36 15.27
N LYS D 315 -28.93 -5.57 14.24
CA LYS D 315 -29.12 -4.91 12.96
C LYS D 315 -28.92 -5.90 11.83
N THR D 316 -29.73 -5.78 10.79
CA THR D 316 -29.61 -6.65 9.62
C THR D 316 -28.53 -6.13 8.70
N VAL D 317 -27.60 -7.01 8.32
CA VAL D 317 -26.49 -6.65 7.45
C VAL D 317 -26.42 -7.65 6.31
N SER D 318 -26.05 -7.16 5.13
CA SER D 318 -25.96 -8.04 3.97
C SER D 318 -24.99 -9.19 4.26
N ASN D 319 -25.42 -10.41 3.95
CA ASN D 319 -24.68 -11.61 4.26
C ASN D 319 -24.44 -12.42 3.00
N ASP D 320 -23.25 -13.00 2.90
CA ASP D 320 -22.90 -13.82 1.74
C ASP D 320 -23.54 -15.20 1.87
N SER D 321 -24.12 -15.68 0.78
CA SER D 321 -24.84 -16.95 0.77
C SER D 321 -25.10 -17.34 -0.67
N PHE D 322 -25.33 -18.64 -0.88
CA PHE D 322 -25.60 -19.12 -2.23
C PHE D 322 -26.85 -18.46 -2.81
N PHE D 323 -27.78 -18.07 -1.94
CA PHE D 323 -29.02 -17.48 -2.42
C PHE D 323 -28.86 -16.02 -2.81
N ASN D 324 -27.70 -15.42 -2.58
CA ASN D 324 -27.55 -13.98 -2.75
C ASN D 324 -27.82 -13.55 -4.20
N PHE D 325 -27.42 -14.34 -5.19
CA PHE D 325 -27.64 -13.89 -6.55
C PHE D 325 -29.11 -13.97 -6.95
N PHE D 326 -29.96 -14.60 -6.13
CA PHE D 326 -31.40 -14.48 -6.34
C PHE D 326 -31.88 -13.06 -6.13
N ALA D 327 -31.04 -12.20 -5.53
CA ALA D 327 -31.29 -10.77 -5.42
C ALA D 327 -30.11 -10.07 -6.06
N PRO D 328 -30.02 -10.11 -7.39
CA PRO D 328 -28.84 -9.59 -8.08
C PRO D 328 -28.76 -8.07 -7.96
N PRO D 329 -27.59 -7.48 -8.15
CA PRO D 329 -27.48 -6.03 -8.07
C PRO D 329 -28.26 -5.37 -9.20
N GLU D 330 -28.75 -4.17 -8.91
CA GLU D 330 -29.74 -3.54 -9.76
C GLU D 330 -29.06 -2.92 -10.99
N VAL D 331 -29.82 -2.12 -11.73
CA VAL D 331 -29.32 -1.45 -12.92
C VAL D 331 -28.00 -0.75 -12.63
N ASP D 340 -18.53 -2.08 -8.59
CA ASP D 340 -18.40 -3.52 -8.45
C ASP D 340 -19.72 -4.22 -8.78
N ALA D 341 -20.80 -3.46 -8.84
CA ALA D 341 -22.10 -4.06 -9.12
C ALA D 341 -22.10 -4.72 -10.50
N GLU D 342 -21.52 -4.07 -11.50
CA GLU D 342 -21.45 -4.65 -12.84
C GLU D 342 -20.61 -5.92 -12.84
N ALA D 343 -19.52 -5.94 -12.06
CA ALA D 343 -18.72 -7.15 -11.96
C ALA D 343 -19.52 -8.30 -11.38
N ILE D 344 -20.33 -8.02 -10.35
CA ILE D 344 -21.16 -9.07 -9.78
C ILE D 344 -22.23 -9.52 -10.77
N LEU D 345 -22.77 -8.58 -11.56
CA LEU D 345 -23.70 -8.96 -12.61
C LEU D 345 -23.05 -9.91 -13.60
N ALA D 346 -21.83 -9.60 -14.04
CA ALA D 346 -21.14 -10.47 -14.99
C ALA D 346 -20.88 -11.84 -14.38
N ALA D 347 -20.46 -11.87 -13.11
CA ALA D 347 -20.21 -13.14 -12.44
C ALA D 347 -21.49 -13.97 -12.37
N ASP D 348 -22.60 -13.34 -12.00
CA ASP D 348 -23.87 -14.05 -11.92
C ASP D 348 -24.30 -14.55 -13.30
N PHE D 349 -24.09 -13.74 -14.33
CA PHE D 349 -24.44 -14.14 -15.68
C PHE D 349 -23.65 -15.40 -16.07
N GLU D 350 -22.35 -15.40 -15.81
CA GLU D 350 -21.54 -16.56 -16.14
C GLU D 350 -21.97 -17.78 -15.34
N ILE D 351 -22.28 -17.58 -14.06
CA ILE D 351 -22.71 -18.71 -13.23
C ILE D 351 -23.99 -19.32 -13.80
N GLY D 352 -24.96 -18.47 -14.15
CA GLY D 352 -26.20 -18.97 -14.71
C GLY D 352 -26.01 -19.65 -16.04
N HIS D 353 -25.10 -19.13 -16.88
CA HIS D 353 -24.79 -19.80 -18.13
C HIS D 353 -24.23 -21.19 -17.87
N PHE D 354 -23.33 -21.30 -16.88
CA PHE D 354 -22.78 -22.61 -16.55
C PHE D 354 -23.87 -23.54 -16.04
N LEU D 355 -24.81 -23.01 -15.25
CA LEU D 355 -25.94 -23.83 -14.80
C LEU D 355 -26.73 -24.35 -15.99
N ARG D 356 -27.05 -23.47 -16.94
CA ARG D 356 -27.88 -23.87 -18.07
C ARG D 356 -27.18 -24.93 -18.91
N GLU D 357 -25.93 -24.67 -19.30
CA GLU D 357 -25.27 -25.52 -20.28
C GLU D 357 -24.62 -26.73 -19.62
N ARG D 358 -23.85 -26.51 -18.55
CA ARG D 358 -23.03 -27.56 -17.97
C ARG D 358 -23.75 -28.31 -16.86
N ILE D 359 -24.20 -27.60 -15.84
CA ILE D 359 -24.66 -28.25 -14.61
C ILE D 359 -25.87 -29.14 -14.88
N ILE D 360 -26.89 -28.58 -15.53
CA ILE D 360 -28.20 -29.23 -15.60
C ILE D 360 -28.19 -30.34 -16.64
N PRO D 361 -27.80 -30.08 -17.90
CA PRO D 361 -27.81 -31.16 -18.90
C PRO D 361 -26.79 -32.24 -18.65
N ARG D 362 -25.84 -32.03 -17.73
CA ARG D 362 -24.81 -33.01 -17.42
C ARG D 362 -24.64 -33.17 -15.91
N SER D 363 -25.74 -33.12 -15.17
CA SER D 363 -25.65 -33.14 -13.71
C SER D 363 -24.92 -34.40 -13.22
N VAL D 364 -25.10 -35.52 -13.92
CA VAL D 364 -24.51 -36.77 -13.45
C VAL D 364 -22.98 -36.68 -13.46
N LEU D 365 -22.41 -36.15 -14.53
CA LEU D 365 -20.96 -36.06 -14.62
C LEU D 365 -20.39 -35.24 -13.47
N TYR D 366 -21.17 -34.29 -12.95
CA TYR D 366 -20.69 -33.41 -11.90
C TYR D 366 -21.03 -33.89 -10.50
N PHE D 367 -21.67 -35.05 -10.37
CA PHE D 367 -22.01 -35.57 -9.05
C PHE D 367 -20.79 -36.24 -8.41
#